data_8QNJ
#
_entry.id   8QNJ
#
_entity_poly.entity_id   1
_entity_poly.type   'polypeptide(L)'
_entity_poly.pdbx_seq_one_letter_code
;GSMKKEELIDKIKANNRLLNAVVQEMYLDNSLDIKTRDYYASNITSVRQNGDQIIQILDEEGIAE
;
_entity_poly.pdbx_strand_id   A
#
# COMPACT_ATOMS: atom_id res chain seq x y z
N GLY A 1 16.90 -10.62 -7.44
CA GLY A 1 15.54 -10.96 -7.08
C GLY A 1 14.57 -9.81 -7.29
N SER A 2 13.81 -9.86 -8.38
CA SER A 2 12.85 -8.80 -8.69
C SER A 2 11.43 -9.28 -8.43
N MET A 3 10.60 -8.39 -7.88
CA MET A 3 9.22 -8.71 -7.58
C MET A 3 8.38 -8.77 -8.85
N LYS A 4 7.45 -9.71 -8.89
CA LYS A 4 6.59 -9.88 -10.06
C LYS A 4 5.43 -8.88 -10.02
N LYS A 5 4.78 -8.70 -11.17
CA LYS A 5 3.65 -7.78 -11.27
C LYS A 5 2.60 -8.08 -10.21
N GLU A 6 2.54 -9.34 -9.78
CA GLU A 6 1.57 -9.76 -8.78
C GLU A 6 2.10 -9.46 -7.37
N GLU A 7 3.41 -9.52 -7.21
CA GLU A 7 4.03 -9.26 -5.91
C GLU A 7 4.25 -7.76 -5.71
N LEU A 8 4.27 -7.02 -6.81
CA LEU A 8 4.47 -5.57 -6.76
C LEU A 8 3.38 -4.91 -5.93
N ILE A 9 2.13 -5.16 -6.30
CA ILE A 9 0.99 -4.59 -5.58
C ILE A 9 0.78 -5.28 -4.23
N ASP A 10 1.27 -6.51 -4.12
CA ASP A 10 1.15 -7.26 -2.88
C ASP A 10 2.11 -6.74 -1.82
N LYS A 11 3.35 -6.50 -2.23
CA LYS A 11 4.38 -6.00 -1.32
C LYS A 11 3.94 -4.67 -0.71
N ILE A 12 3.61 -3.71 -1.56
CA ILE A 12 3.19 -2.39 -1.11
C ILE A 12 1.90 -2.48 -0.29
N LYS A 13 1.06 -3.45 -0.64
CA LYS A 13 -0.21 -3.64 0.06
C LYS A 13 0.02 -3.86 1.55
N ALA A 14 1.04 -4.65 1.88
CA ALA A 14 1.36 -4.94 3.27
C ALA A 14 2.39 -3.94 3.80
N ASN A 15 3.13 -3.32 2.90
CA ASN A 15 4.16 -2.36 3.28
C ASN A 15 3.53 -1.00 3.61
N ASN A 16 2.33 -0.77 3.09
CA ASN A 16 1.61 0.47 3.33
C ASN A 16 1.17 0.58 4.79
N ARG A 17 0.28 -0.31 5.20
CA ARG A 17 -0.23 -0.32 6.56
C ARG A 17 0.88 -0.69 7.54
N LEU A 18 2.06 -0.96 7.02
CA LEU A 18 3.21 -1.33 7.86
C LEU A 18 3.35 -0.36 9.03
N LEU A 19 2.90 0.86 8.83
CA LEU A 19 2.98 1.89 9.86
C LEU A 19 2.17 1.49 11.10
N ASN A 20 0.84 1.51 10.96
CA ASN A 20 -0.05 1.16 12.06
C ASN A 20 0.19 2.05 13.27
N ALA A 21 -0.10 3.34 13.12
CA ALA A 21 0.09 4.30 14.20
C ALA A 21 -1.21 5.06 14.48
N VAL A 22 -1.77 5.68 13.44
CA VAL A 22 -3.00 6.44 13.58
C VAL A 22 -4.18 5.66 13.03
N VAL A 23 -4.10 5.28 11.76
CA VAL A 23 -5.16 4.53 11.11
C VAL A 23 -4.92 3.02 11.21
N GLN A 24 -4.18 2.62 12.25
CA GLN A 24 -3.87 1.21 12.45
C GLN A 24 -5.13 0.43 12.80
N GLU A 25 -6.14 1.13 13.31
CA GLU A 25 -7.40 0.50 13.69
C GLU A 25 -8.38 0.49 12.52
N MET A 26 -8.21 1.46 11.61
CA MET A 26 -9.08 1.57 10.44
C MET A 26 -8.53 0.75 9.28
N TYR A 27 -7.24 0.92 9.00
CA TYR A 27 -6.59 0.22 7.92
C TYR A 27 -6.67 -1.30 8.13
N LEU A 28 -6.68 -1.71 9.39
CA LEU A 28 -6.76 -3.13 9.72
C LEU A 28 -8.15 -3.68 9.42
N ASP A 29 -9.06 -2.80 9.03
CA ASP A 29 -10.43 -3.19 8.71
C ASP A 29 -10.47 -3.96 7.40
N ASN A 30 -10.06 -5.23 7.44
CA ASN A 30 -10.05 -6.07 6.25
C ASN A 30 -11.46 -6.25 5.70
N SER A 31 -12.45 -6.04 6.56
CA SER A 31 -13.86 -6.18 6.17
C SER A 31 -14.42 -4.84 5.70
N LEU A 32 -13.54 -3.94 5.28
CA LEU A 32 -13.95 -2.62 4.81
C LEU A 32 -13.39 -2.35 3.42
N ASP A 33 -14.02 -1.41 2.71
CA ASP A 33 -13.58 -1.05 1.37
C ASP A 33 -12.23 -0.37 1.40
N ILE A 34 -11.28 -0.88 0.63
CA ILE A 34 -9.94 -0.32 0.57
C ILE A 34 -9.98 1.20 0.53
N LYS A 35 -10.92 1.74 -0.23
CA LYS A 35 -11.08 3.19 -0.36
C LYS A 35 -11.56 3.79 0.95
N THR A 36 -12.50 3.11 1.60
CA THR A 36 -13.04 3.58 2.87
C THR A 36 -11.94 3.91 3.87
N ARG A 37 -11.10 2.92 4.15
CA ARG A 37 -9.99 3.09 5.09
C ARG A 37 -8.92 4.00 4.49
N ASP A 38 -8.74 3.92 3.18
CA ASP A 38 -7.74 4.72 2.49
C ASP A 38 -7.92 6.20 2.82
N TYR A 39 -9.16 6.66 2.84
CA TYR A 39 -9.46 8.06 3.14
C TYR A 39 -8.84 8.47 4.47
N TYR A 40 -9.25 7.80 5.55
CA TYR A 40 -8.73 8.10 6.88
C TYR A 40 -7.22 7.94 6.91
N ALA A 41 -6.67 7.19 5.96
CA ALA A 41 -5.23 6.97 5.88
C ALA A 41 -4.53 8.14 5.19
N SER A 42 -5.00 9.35 5.47
CA SER A 42 -4.41 10.54 4.87
C SER A 42 -3.36 11.15 5.77
N ASN A 43 -3.54 10.99 7.09
CA ASN A 43 -2.60 11.52 8.06
C ASN A 43 -1.29 10.74 8.03
N ILE A 44 -1.39 9.42 7.96
CA ILE A 44 -0.21 8.57 7.91
C ILE A 44 0.33 8.43 6.50
N THR A 45 -0.21 9.25 5.59
CA THR A 45 0.22 9.22 4.20
C THR A 45 1.74 9.17 4.08
N SER A 46 2.42 9.78 5.05
CA SER A 46 3.87 9.79 5.06
C SER A 46 4.45 8.39 4.82
N VAL A 47 3.71 7.39 5.27
CA VAL A 47 4.13 6.00 5.10
C VAL A 47 3.47 5.36 3.90
N ARG A 48 2.29 5.87 3.54
CA ARG A 48 1.54 5.36 2.40
C ARG A 48 2.25 5.68 1.09
N GLN A 49 2.64 6.94 0.94
CA GLN A 49 3.32 7.38 -0.27
C GLN A 49 4.52 6.48 -0.59
N ASN A 50 5.20 6.04 0.46
CA ASN A 50 6.37 5.17 0.30
C ASN A 50 6.06 4.01 -0.64
N GLY A 51 4.98 3.29 -0.34
CA GLY A 51 4.59 2.16 -1.17
C GLY A 51 3.79 2.59 -2.38
N ASP A 52 2.75 3.38 -2.15
CA ASP A 52 1.89 3.85 -3.24
C ASP A 52 2.72 4.43 -4.38
N GLN A 53 3.87 5.00 -4.03
CA GLN A 53 4.76 5.59 -5.03
C GLN A 53 5.32 4.52 -5.96
N ILE A 54 5.68 3.37 -5.40
CA ILE A 54 6.22 2.27 -6.18
C ILE A 54 5.16 1.67 -7.09
N ILE A 55 3.91 1.69 -6.62
CA ILE A 55 2.80 1.14 -7.39
C ILE A 55 2.83 1.64 -8.84
N GLN A 56 3.14 2.92 -9.01
CA GLN A 56 3.20 3.52 -10.34
C GLN A 56 4.58 3.31 -10.95
N ILE A 57 5.62 3.45 -10.13
CA ILE A 57 6.99 3.27 -10.60
C ILE A 57 7.15 1.98 -11.39
N LEU A 58 6.68 0.88 -10.81
CA LEU A 58 6.75 -0.42 -11.46
C LEU A 58 5.75 -0.53 -12.60
N ASP A 59 4.71 0.29 -12.54
CA ASP A 59 3.68 0.30 -13.58
C ASP A 59 4.18 0.97 -14.84
N GLU A 60 4.99 2.01 -14.67
CA GLU A 60 5.54 2.75 -15.81
C GLU A 60 6.74 2.01 -16.40
N GLU A 61 7.59 1.48 -15.53
CA GLU A 61 8.77 0.76 -15.96
C GLU A 61 8.43 -0.67 -16.37
N GLY A 62 7.44 -1.25 -15.69
CA GLY A 62 7.03 -2.61 -16.01
C GLY A 62 7.59 -3.63 -15.03
N ILE A 63 6.82 -4.66 -14.74
CA ILE A 63 7.25 -5.71 -13.83
C ILE A 63 7.58 -6.99 -14.57
N ALA A 64 8.45 -7.80 -13.98
CA ALA A 64 8.84 -9.07 -14.59
C ALA A 64 7.91 -10.20 -14.17
N GLU A 65 7.02 -10.60 -15.07
CA GLU A 65 6.07 -11.67 -14.78
C GLU A 65 6.00 -12.66 -15.93
N GLY A 1 15.74 -12.77 -8.14
CA GLY A 1 14.56 -12.57 -8.97
C GLY A 1 13.74 -11.38 -8.53
N SER A 2 13.79 -10.32 -9.34
CA SER A 2 13.05 -9.09 -9.03
C SER A 2 11.58 -9.40 -8.78
N MET A 3 10.87 -8.45 -8.18
CA MET A 3 9.46 -8.61 -7.88
C MET A 3 8.62 -8.47 -9.15
N LYS A 4 7.64 -9.34 -9.31
CA LYS A 4 6.77 -9.32 -10.47
C LYS A 4 5.72 -8.22 -10.34
N LYS A 5 5.13 -7.83 -11.47
CA LYS A 5 4.12 -6.79 -11.49
C LYS A 5 2.98 -7.13 -10.53
N GLU A 6 2.75 -8.42 -10.32
CA GLU A 6 1.69 -8.88 -9.43
C GLU A 6 2.12 -8.75 -7.97
N GLU A 7 3.42 -8.78 -7.73
CA GLU A 7 3.96 -8.66 -6.37
C GLU A 7 4.11 -7.21 -5.96
N LEU A 8 4.45 -6.36 -6.93
CA LEU A 8 4.63 -4.94 -6.68
C LEU A 8 3.44 -4.36 -5.93
N ILE A 9 2.26 -4.86 -6.25
CA ILE A 9 1.03 -4.39 -5.60
C ILE A 9 0.81 -5.11 -4.27
N ASP A 10 1.32 -6.34 -4.18
CA ASP A 10 1.18 -7.13 -2.96
C ASP A 10 2.12 -6.63 -1.87
N LYS A 11 3.40 -6.54 -2.20
CA LYS A 11 4.41 -6.07 -1.24
C LYS A 11 4.00 -4.73 -0.65
N ILE A 12 3.68 -3.77 -1.51
CA ILE A 12 3.28 -2.44 -1.06
C ILE A 12 1.99 -2.51 -0.25
N LYS A 13 1.08 -3.39 -0.67
CA LYS A 13 -0.20 -3.56 0.02
C LYS A 13 0.02 -3.84 1.51
N ALA A 14 1.05 -4.61 1.81
CA ALA A 14 1.37 -4.96 3.20
C ALA A 14 2.42 -4.02 3.77
N ASN A 15 3.17 -3.37 2.88
CA ASN A 15 4.21 -2.43 3.30
C ASN A 15 3.62 -1.07 3.65
N ASN A 16 2.43 -0.80 3.12
CA ASN A 16 1.75 0.47 3.38
C ASN A 16 1.21 0.52 4.80
N ARG A 17 0.30 -0.39 5.11
CA ARG A 17 -0.30 -0.45 6.44
C ARG A 17 0.74 -0.85 7.49
N LEU A 18 1.95 -1.12 7.04
CA LEU A 18 3.03 -1.51 7.93
C LEU A 18 3.15 -0.54 9.10
N LEU A 19 2.74 0.70 8.86
CA LEU A 19 2.79 1.73 9.91
C LEU A 19 1.90 1.36 11.09
N ASN A 20 0.60 1.38 10.87
CA ASN A 20 -0.36 1.04 11.93
C ASN A 20 -0.18 1.98 13.13
N ALA A 21 -0.41 3.26 12.91
CA ALA A 21 -0.29 4.25 13.98
C ALA A 21 -1.62 4.92 14.26
N VAL A 22 -2.14 5.65 13.27
CA VAL A 22 -3.41 6.34 13.41
C VAL A 22 -4.55 5.53 12.81
N VAL A 23 -4.33 5.01 11.60
CA VAL A 23 -5.35 4.20 10.93
C VAL A 23 -5.16 2.72 11.22
N GLN A 24 -4.44 2.42 12.29
CA GLN A 24 -4.18 1.04 12.68
C GLN A 24 -5.49 0.31 12.96
N GLU A 25 -6.56 1.06 13.16
CA GLU A 25 -7.87 0.49 13.42
C GLU A 25 -8.70 0.40 12.15
N MET A 26 -8.55 1.39 11.29
CA MET A 26 -9.28 1.43 10.02
C MET A 26 -8.52 0.71 8.92
N TYR A 27 -7.28 1.13 8.69
CA TYR A 27 -6.44 0.54 7.67
C TYR A 27 -6.34 -0.98 7.87
N LEU A 28 -6.26 -1.40 9.13
CA LEU A 28 -6.16 -2.82 9.46
C LEU A 28 -7.52 -3.49 9.38
N ASP A 29 -8.57 -2.69 9.29
CA ASP A 29 -9.93 -3.21 9.21
C ASP A 29 -10.17 -3.88 7.86
N ASN A 30 -9.76 -5.15 7.77
CA ASN A 30 -9.93 -5.91 6.53
C ASN A 30 -11.40 -6.05 6.17
N SER A 31 -12.27 -5.91 7.17
CA SER A 31 -13.70 -6.02 6.96
C SER A 31 -14.33 -4.65 6.72
N LEU A 32 -13.52 -3.72 6.20
CA LEU A 32 -13.99 -2.37 5.92
C LEU A 32 -13.72 -1.99 4.47
N ASP A 33 -14.46 -1.01 3.97
CA ASP A 33 -14.30 -0.55 2.60
C ASP A 33 -12.96 0.17 2.41
N ILE A 34 -12.17 -0.32 1.46
CA ILE A 34 -10.86 0.27 1.18
C ILE A 34 -10.93 1.79 1.20
N LYS A 35 -11.98 2.34 0.59
CA LYS A 35 -12.17 3.78 0.54
C LYS A 35 -12.47 4.34 1.92
N THR A 36 -13.29 3.63 2.68
CA THR A 36 -13.67 4.06 4.02
C THR A 36 -12.42 4.38 4.86
N ARG A 37 -11.55 3.40 4.98
CA ARG A 37 -10.31 3.57 5.75
C ARG A 37 -9.34 4.49 5.02
N ASP A 38 -9.38 4.45 3.69
CA ASP A 38 -8.49 5.27 2.88
C ASP A 38 -8.66 6.75 3.22
N TYR A 39 -9.90 7.17 3.41
CA TYR A 39 -10.20 8.56 3.74
C TYR A 39 -9.38 9.02 4.95
N TYR A 40 -9.52 8.28 6.05
CA TYR A 40 -8.81 8.62 7.27
C TYR A 40 -7.31 8.32 7.13
N ALA A 41 -6.95 7.69 6.03
CA ALA A 41 -5.55 7.35 5.76
C ALA A 41 -4.83 8.52 5.10
N SER A 42 -5.30 9.73 5.35
CA SER A 42 -4.70 10.92 4.78
C SER A 42 -3.65 11.51 5.72
N ASN A 43 -3.65 11.05 6.96
CA ASN A 43 -2.71 11.53 7.96
C ASN A 43 -1.44 10.68 7.95
N ILE A 44 -1.61 9.37 7.85
CA ILE A 44 -0.48 8.45 7.84
C ILE A 44 0.10 8.31 6.43
N THR A 45 -0.37 9.17 5.52
CA THR A 45 0.10 9.14 4.14
C THR A 45 1.63 9.10 4.09
N SER A 46 2.27 9.63 5.12
CA SER A 46 3.72 9.65 5.18
C SER A 46 4.30 8.26 4.96
N VAL A 47 3.50 7.24 5.27
CA VAL A 47 3.93 5.85 5.09
C VAL A 47 3.30 5.23 3.85
N ARG A 48 2.15 5.77 3.44
CA ARG A 48 1.45 5.26 2.27
C ARG A 48 2.22 5.60 0.99
N GLN A 49 2.64 6.85 0.86
CA GLN A 49 3.38 7.30 -0.32
C GLN A 49 4.58 6.41 -0.56
N ASN A 50 5.23 5.97 0.53
CA ASN A 50 6.41 5.12 0.44
C ASN A 50 6.16 3.96 -0.54
N GLY A 51 5.07 3.23 -0.30
CA GLY A 51 4.75 2.10 -1.16
C GLY A 51 3.95 2.52 -2.38
N ASP A 52 2.93 3.33 -2.16
CA ASP A 52 2.08 3.81 -3.25
C ASP A 52 2.92 4.38 -4.39
N GLN A 53 4.03 5.02 -4.03
CA GLN A 53 4.92 5.61 -5.02
C GLN A 53 5.56 4.54 -5.89
N ILE A 54 5.83 3.39 -5.29
CA ILE A 54 6.45 2.27 -6.01
C ILE A 54 5.42 1.56 -6.89
N ILE A 55 4.17 1.58 -6.47
CA ILE A 55 3.10 0.95 -7.22
C ILE A 55 3.19 1.28 -8.70
N GLN A 56 3.55 2.53 -9.00
CA GLN A 56 3.68 2.97 -10.38
C GLN A 56 5.06 2.65 -10.94
N ILE A 57 6.07 2.79 -10.09
CA ILE A 57 7.45 2.53 -10.48
C ILE A 57 7.61 1.10 -11.00
N LEU A 58 7.28 0.13 -10.15
CA LEU A 58 7.37 -1.28 -10.52
C LEU A 58 6.38 -1.63 -11.63
N ASP A 59 5.30 -0.85 -11.70
CA ASP A 59 4.28 -1.07 -12.72
C ASP A 59 4.76 -0.59 -14.09
N GLU A 60 5.61 0.43 -14.08
CA GLU A 60 6.14 0.99 -15.32
C GLU A 60 7.25 0.11 -15.88
N GLU A 61 8.19 -0.28 -15.03
CA GLU A 61 9.30 -1.12 -15.44
C GLU A 61 9.80 -1.97 -14.28
N GLY A 62 8.90 -2.73 -13.67
CA GLY A 62 9.26 -3.58 -12.55
C GLY A 62 8.66 -4.97 -12.65
N ILE A 63 8.40 -5.41 -13.88
CA ILE A 63 7.83 -6.72 -14.11
C ILE A 63 8.90 -7.75 -14.44
N ALA A 64 8.66 -9.01 -14.09
CA ALA A 64 9.61 -10.08 -14.36
C ALA A 64 9.28 -10.79 -15.66
N GLU A 65 9.97 -10.41 -16.73
CA GLU A 65 9.74 -11.01 -18.04
C GLU A 65 10.91 -11.91 -18.43
N GLY A 1 14.40 -13.52 -9.21
CA GLY A 1 15.16 -12.30 -9.39
C GLY A 1 14.48 -11.10 -8.75
N SER A 2 13.36 -10.68 -9.35
CA SER A 2 12.62 -9.53 -8.83
C SER A 2 11.17 -9.91 -8.56
N MET A 3 10.43 -8.98 -7.96
CA MET A 3 9.02 -9.21 -7.65
C MET A 3 8.16 -9.14 -8.90
N LYS A 4 7.10 -9.94 -8.93
CA LYS A 4 6.20 -9.98 -10.08
C LYS A 4 5.20 -8.81 -10.02
N LYS A 5 4.59 -8.50 -11.15
CA LYS A 5 3.62 -7.42 -11.23
C LYS A 5 2.50 -7.62 -10.21
N GLU A 6 2.25 -8.87 -9.86
CA GLU A 6 1.20 -9.20 -8.89
C GLU A 6 1.75 -9.17 -7.47
N GLU A 7 3.05 -9.37 -7.34
CA GLU A 7 3.70 -9.36 -6.03
C GLU A 7 4.02 -7.93 -5.59
N LEU A 8 4.36 -7.08 -6.56
CA LEU A 8 4.69 -5.70 -6.27
C LEU A 8 3.45 -4.90 -5.91
N ILE A 9 2.45 -4.95 -6.79
CA ILE A 9 1.20 -4.23 -6.57
C ILE A 9 0.56 -4.64 -5.24
N ASP A 10 0.94 -5.82 -4.76
CA ASP A 10 0.40 -6.31 -3.49
C ASP A 10 1.34 -5.98 -2.34
N LYS A 11 2.64 -6.09 -2.59
CA LYS A 11 3.64 -5.80 -1.56
C LYS A 11 3.37 -4.45 -0.90
N ILE A 12 2.98 -3.47 -1.71
CA ILE A 12 2.69 -2.14 -1.20
C ILE A 12 1.61 -2.18 -0.12
N LYS A 13 0.65 -3.08 -0.29
CA LYS A 13 -0.44 -3.23 0.67
C LYS A 13 0.09 -3.71 2.02
N ALA A 14 1.09 -4.59 1.98
CA ALA A 14 1.68 -5.13 3.20
C ALA A 14 2.94 -4.36 3.57
N ASN A 15 3.22 -3.29 2.85
CA ASN A 15 4.39 -2.46 3.11
C ASN A 15 3.99 -1.06 3.55
N ASN A 16 2.81 -0.61 3.09
CA ASN A 16 2.31 0.71 3.45
C ASN A 16 1.68 0.71 4.83
N ARG A 17 0.75 -0.21 5.04
CA ARG A 17 0.07 -0.32 6.33
C ARG A 17 1.06 -0.67 7.44
N LEU A 18 2.32 -0.89 7.06
CA LEU A 18 3.36 -1.23 8.02
C LEU A 18 3.37 -0.24 9.18
N LEU A 19 2.91 0.97 8.93
CA LEU A 19 2.86 2.01 9.96
C LEU A 19 1.93 1.61 11.09
N ASN A 20 0.64 1.59 10.81
CA ASN A 20 -0.36 1.22 11.81
C ASN A 20 -0.26 2.12 13.04
N ALA A 21 -0.49 3.41 12.84
CA ALA A 21 -0.43 4.38 13.92
C ALA A 21 -1.80 5.00 14.19
N VAL A 22 -2.33 5.70 13.20
CA VAL A 22 -3.63 6.34 13.33
C VAL A 22 -4.73 5.47 12.72
N VAL A 23 -4.47 4.96 11.52
CA VAL A 23 -5.44 4.11 10.84
C VAL A 23 -5.20 2.64 11.15
N GLN A 24 -4.47 2.38 12.24
CA GLN A 24 -4.17 1.01 12.65
C GLN A 24 -5.45 0.23 12.91
N GLU A 25 -6.57 0.95 13.07
CA GLU A 25 -7.85 0.31 13.33
C GLU A 25 -8.63 0.13 12.03
N MET A 26 -8.55 1.12 11.14
CA MET A 26 -9.25 1.07 9.87
C MET A 26 -8.40 0.38 8.81
N TYR A 27 -7.20 0.90 8.60
CA TYR A 27 -6.29 0.33 7.61
C TYR A 27 -6.08 -1.15 7.85
N LEU A 28 -6.16 -1.57 9.11
CA LEU A 28 -5.98 -2.96 9.48
C LEU A 28 -7.31 -3.71 9.46
N ASP A 29 -8.40 -2.95 9.44
CA ASP A 29 -9.74 -3.53 9.43
C ASP A 29 -10.02 -4.21 8.08
N ASN A 30 -9.57 -5.46 7.96
CA ASN A 30 -9.77 -6.22 6.73
C ASN A 30 -11.25 -6.40 6.44
N SER A 31 -12.08 -6.19 7.46
CA SER A 31 -13.53 -6.35 7.32
C SER A 31 -14.19 -5.01 6.99
N LEU A 32 -13.39 -4.09 6.45
CA LEU A 32 -13.89 -2.77 6.09
C LEU A 32 -13.59 -2.45 4.63
N ASP A 33 -14.35 -1.52 4.07
CA ASP A 33 -14.16 -1.11 2.68
C ASP A 33 -12.83 -0.37 2.50
N ILE A 34 -12.01 -0.85 1.59
CA ILE A 34 -10.71 -0.23 1.33
C ILE A 34 -10.82 1.28 1.27
N LYS A 35 -11.90 1.77 0.66
CA LYS A 35 -12.13 3.20 0.55
C LYS A 35 -12.44 3.81 1.91
N THR A 36 -13.24 3.11 2.71
CA THR A 36 -13.61 3.58 4.04
C THR A 36 -12.38 3.96 4.85
N ARG A 37 -11.47 3.01 5.01
CA ARG A 37 -10.24 3.24 5.76
C ARG A 37 -9.30 4.16 4.99
N ASP A 38 -9.36 4.08 3.67
CA ASP A 38 -8.51 4.91 2.82
C ASP A 38 -8.72 6.38 3.11
N TYR A 39 -9.98 6.78 3.28
CA TYR A 39 -10.31 8.17 3.55
C TYR A 39 -9.53 8.69 4.75
N TYR A 40 -9.64 8.01 5.87
CA TYR A 40 -8.95 8.40 7.09
C TYR A 40 -7.44 8.13 6.97
N ALA A 41 -7.05 7.47 5.89
CA ALA A 41 -5.65 7.16 5.64
C ALA A 41 -4.94 8.32 4.97
N SER A 42 -5.40 9.54 5.24
CA SER A 42 -4.81 10.73 4.66
C SER A 42 -3.74 11.32 5.58
N ASN A 43 -3.89 11.07 6.88
CA ASN A 43 -2.94 11.58 7.87
C ASN A 43 -1.65 10.75 7.85
N ILE A 44 -1.81 9.43 7.79
CA ILE A 44 -0.66 8.54 7.77
C ILE A 44 -0.10 8.38 6.36
N THR A 45 -0.59 9.21 5.45
CA THR A 45 -0.14 9.17 4.06
C THR A 45 1.37 9.12 3.97
N SER A 46 2.04 9.67 4.98
CA SER A 46 3.50 9.69 5.02
C SER A 46 4.07 8.30 4.79
N VAL A 47 3.28 7.28 5.14
CA VAL A 47 3.70 5.89 4.98
C VAL A 47 3.03 5.26 3.77
N ARG A 48 1.93 5.87 3.32
CA ARG A 48 1.20 5.36 2.16
C ARG A 48 1.97 5.62 0.87
N GLN A 49 2.36 6.88 0.66
CA GLN A 49 3.11 7.26 -0.53
C GLN A 49 4.34 6.37 -0.71
N ASN A 50 4.86 5.85 0.39
CA ASN A 50 6.03 4.98 0.35
C ASN A 50 5.84 3.86 -0.68
N GLY A 51 4.70 3.19 -0.61
CA GLY A 51 4.42 2.11 -1.53
C GLY A 51 4.02 2.61 -2.92
N ASP A 52 2.97 3.43 -2.97
CA ASP A 52 2.48 3.97 -4.23
C ASP A 52 3.64 4.57 -5.03
N GLN A 53 4.65 5.08 -4.33
CA GLN A 53 5.80 5.68 -4.98
C GLN A 53 6.55 4.65 -5.83
N ILE A 54 6.71 3.45 -5.29
CA ILE A 54 7.40 2.38 -5.99
C ILE A 54 6.56 1.86 -7.15
N ILE A 55 5.26 1.69 -6.91
CA ILE A 55 4.35 1.19 -7.93
C ILE A 55 4.50 1.98 -9.22
N GLN A 56 4.58 3.31 -9.09
CA GLN A 56 4.72 4.18 -10.24
C GLN A 56 6.03 3.92 -10.98
N ILE A 57 7.07 3.60 -10.21
CA ILE A 57 8.38 3.32 -10.80
C ILE A 57 8.37 2.00 -11.56
N LEU A 58 7.89 0.95 -10.92
CA LEU A 58 7.82 -0.36 -11.54
C LEU A 58 6.79 -0.38 -12.66
N ASP A 59 5.80 0.49 -12.56
CA ASP A 59 4.75 0.58 -13.57
C ASP A 59 5.28 1.18 -14.87
N GLU A 60 6.28 2.05 -14.75
CA GLU A 60 6.88 2.69 -15.90
C GLU A 60 7.84 1.74 -16.62
N GLU A 61 8.85 1.25 -15.88
CA GLU A 61 9.83 0.34 -16.44
C GLU A 61 9.20 -1.02 -16.75
N GLY A 62 8.27 -1.43 -15.89
CA GLY A 62 7.60 -2.71 -16.09
C GLY A 62 8.08 -3.76 -15.11
N ILE A 63 7.17 -4.66 -14.72
CA ILE A 63 7.50 -5.72 -13.77
C ILE A 63 7.71 -7.05 -14.49
N ALA A 64 8.50 -7.93 -13.88
CA ALA A 64 8.79 -9.24 -14.46
C ALA A 64 7.75 -10.27 -14.02
N GLU A 65 6.81 -10.55 -14.91
CA GLU A 65 5.75 -11.51 -14.62
C GLU A 65 5.55 -12.47 -15.79
N GLY A 1 13.19 -14.03 -6.91
CA GLY A 1 14.30 -13.12 -7.05
C GLY A 1 13.88 -11.77 -7.63
N SER A 2 12.97 -11.81 -8.59
CA SER A 2 12.48 -10.60 -9.24
C SER A 2 11.04 -10.29 -8.80
N MET A 3 10.81 -9.04 -8.41
CA MET A 3 9.49 -8.62 -7.97
C MET A 3 8.54 -8.46 -9.16
N LYS A 4 7.53 -9.31 -9.23
CA LYS A 4 6.55 -9.27 -10.32
C LYS A 4 5.53 -8.16 -10.08
N LYS A 5 5.04 -7.58 -11.17
CA LYS A 5 4.05 -6.51 -11.07
C LYS A 5 2.85 -6.94 -10.24
N GLU A 6 2.54 -8.23 -10.29
CA GLU A 6 1.41 -8.78 -9.53
C GLU A 6 1.74 -8.81 -8.04
N GLU A 7 3.01 -8.99 -7.71
CA GLU A 7 3.44 -9.04 -6.32
C GLU A 7 3.69 -7.64 -5.78
N LEU A 8 4.05 -6.73 -6.67
CA LEU A 8 4.32 -5.34 -6.29
C LEU A 8 3.03 -4.64 -5.85
N ILE A 9 2.04 -4.64 -6.73
CA ILE A 9 0.76 -4.01 -6.42
C ILE A 9 0.22 -4.48 -5.08
N ASP A 10 0.64 -5.67 -4.65
CA ASP A 10 0.19 -6.24 -3.39
C ASP A 10 1.18 -5.90 -2.27
N LYS A 11 2.47 -5.99 -2.57
CA LYS A 11 3.50 -5.69 -1.59
C LYS A 11 3.26 -4.34 -0.93
N ILE A 12 2.86 -3.36 -1.73
CA ILE A 12 2.58 -2.03 -1.23
C ILE A 12 1.52 -2.05 -0.13
N LYS A 13 0.55 -2.95 -0.30
CA LYS A 13 -0.53 -3.08 0.68
C LYS A 13 -0.01 -3.61 2.01
N ALA A 14 1.01 -4.45 1.95
CA ALA A 14 1.61 -5.03 3.14
C ALA A 14 2.87 -4.26 3.54
N ASN A 15 3.17 -3.20 2.81
CA ASN A 15 4.35 -2.38 3.10
C ASN A 15 3.94 -0.98 3.56
N ASN A 16 2.78 -0.53 3.09
CA ASN A 16 2.27 0.79 3.45
C ASN A 16 1.62 0.77 4.82
N ARG A 17 0.70 -0.16 5.02
CA ARG A 17 -0.01 -0.29 6.30
C ARG A 17 0.97 -0.65 7.42
N LEU A 18 2.22 -0.89 7.05
CA LEU A 18 3.24 -1.24 8.02
C LEU A 18 3.30 -0.21 9.15
N LEU A 19 2.83 1.00 8.87
CA LEU A 19 2.83 2.06 9.86
C LEU A 19 1.97 1.69 11.06
N ASN A 20 0.65 1.65 10.86
CA ASN A 20 -0.28 1.31 11.92
C ASN A 20 -0.16 2.28 13.09
N ALA A 21 -0.44 3.55 12.83
CA ALA A 21 -0.37 4.59 13.85
C ALA A 21 -1.74 5.18 14.14
N VAL A 22 -2.31 5.85 13.14
CA VAL A 22 -3.63 6.47 13.29
C VAL A 22 -4.72 5.57 12.72
N VAL A 23 -4.48 5.04 11.53
CA VAL A 23 -5.44 4.17 10.86
C VAL A 23 -5.16 2.70 11.19
N GLN A 24 -4.40 2.47 12.25
CA GLN A 24 -4.07 1.12 12.67
C GLN A 24 -5.33 0.30 12.96
N GLU A 25 -6.44 0.99 13.15
CA GLU A 25 -7.70 0.34 13.44
C GLU A 25 -8.53 0.17 12.16
N MET A 26 -8.47 1.17 11.29
CA MET A 26 -9.21 1.13 10.03
C MET A 26 -8.39 0.45 8.94
N TYR A 27 -7.19 0.96 8.70
CA TYR A 27 -6.32 0.39 7.68
C TYR A 27 -6.10 -1.10 7.92
N LEU A 28 -6.15 -1.51 9.18
CA LEU A 28 -5.97 -2.92 9.54
C LEU A 28 -7.31 -3.65 9.58
N ASP A 29 -8.39 -2.88 9.60
CA ASP A 29 -9.73 -3.46 9.64
C ASP A 29 -10.06 -4.17 8.33
N ASN A 30 -9.61 -5.43 8.22
CA ASN A 30 -9.86 -6.21 7.01
C ASN A 30 -11.36 -6.41 6.79
N SER A 31 -12.15 -6.17 7.82
CA SER A 31 -13.59 -6.31 7.74
C SER A 31 -14.25 -4.99 7.40
N LEU A 32 -13.49 -4.08 6.81
CA LEU A 32 -14.00 -2.77 6.43
C LEU A 32 -13.76 -2.49 4.96
N ASP A 33 -14.52 -1.56 4.40
CA ASP A 33 -14.38 -1.19 2.99
C ASP A 33 -13.04 -0.49 2.74
N ILE A 34 -12.27 -1.03 1.81
CA ILE A 34 -10.96 -0.46 1.47
C ILE A 34 -11.04 1.06 1.40
N LYS A 35 -12.11 1.57 0.78
CA LYS A 35 -12.31 3.00 0.64
C LYS A 35 -12.60 3.65 1.99
N THR A 36 -13.40 2.97 2.80
CA THR A 36 -13.76 3.48 4.12
C THR A 36 -12.53 3.90 4.90
N ARG A 37 -11.62 2.95 5.11
CA ARG A 37 -10.39 3.23 5.85
C ARG A 37 -9.47 4.16 5.06
N ASP A 38 -9.53 4.04 3.73
CA ASP A 38 -8.70 4.88 2.85
C ASP A 38 -8.92 6.35 3.14
N TYR A 39 -10.19 6.73 3.32
CA TYR A 39 -10.54 8.13 3.60
C TYR A 39 -9.76 8.65 4.79
N TYR A 40 -9.85 7.96 5.91
CA TYR A 40 -9.15 8.35 7.13
C TYR A 40 -7.65 8.14 6.99
N ALA A 41 -7.24 7.50 5.90
CA ALA A 41 -5.84 7.23 5.64
C ALA A 41 -5.17 8.43 4.95
N SER A 42 -5.71 9.62 5.20
CA SER A 42 -5.17 10.84 4.60
C SER A 42 -4.14 11.48 5.53
N ASN A 43 -4.12 11.04 6.78
CA ASN A 43 -3.19 11.58 7.77
C ASN A 43 -1.87 10.79 7.76
N ILE A 44 -1.99 9.47 7.68
CA ILE A 44 -0.81 8.60 7.66
C ILE A 44 -0.25 8.48 6.25
N THR A 45 -0.75 9.30 5.34
CA THR A 45 -0.30 9.28 3.95
C THR A 45 1.22 9.21 3.87
N SER A 46 1.89 9.79 4.88
CA SER A 46 3.35 9.80 4.93
C SER A 46 3.91 8.41 4.66
N VAL A 47 3.18 7.39 5.11
CA VAL A 47 3.61 6.01 4.92
C VAL A 47 2.93 5.38 3.72
N ARG A 48 1.83 5.99 3.28
CA ARG A 48 1.09 5.49 2.13
C ARG A 48 1.84 5.78 0.84
N GLN A 49 2.21 7.04 0.65
CA GLN A 49 2.93 7.46 -0.56
C GLN A 49 4.17 6.59 -0.77
N ASN A 50 4.72 6.08 0.33
CA ASN A 50 5.91 5.23 0.25
C ASN A 50 5.72 4.11 -0.76
N GLY A 51 4.60 3.40 -0.65
CA GLY A 51 4.32 2.32 -1.56
C GLY A 51 3.91 2.80 -2.94
N ASP A 52 2.85 3.59 -3.01
CA ASP A 52 2.36 4.12 -4.28
C ASP A 52 3.51 4.73 -5.08
N GLN A 53 4.48 5.30 -4.38
CA GLN A 53 5.63 5.91 -5.04
C GLN A 53 6.43 4.87 -5.82
N ILE A 54 6.60 3.69 -5.22
CA ILE A 54 7.36 2.62 -5.87
C ILE A 54 6.51 1.91 -6.91
N ILE A 55 5.20 1.92 -6.72
CA ILE A 55 4.27 1.29 -7.65
C ILE A 55 4.47 1.82 -9.07
N GLN A 56 4.48 3.14 -9.20
CA GLN A 56 4.65 3.77 -10.50
C GLN A 56 5.97 3.35 -11.13
N ILE A 57 7.03 3.29 -10.33
CA ILE A 57 8.34 2.90 -10.81
C ILE A 57 8.34 1.45 -11.28
N LEU A 58 8.01 0.54 -10.38
CA LEU A 58 7.96 -0.89 -10.70
C LEU A 58 6.94 -1.16 -11.79
N ASP A 59 6.01 -0.24 -11.98
CA ASP A 59 4.98 -0.38 -12.99
C ASP A 59 5.54 -0.11 -14.39
N GLU A 60 6.50 0.80 -14.46
CA GLU A 60 7.12 1.16 -15.74
C GLU A 60 8.17 0.12 -16.14
N GLU A 61 8.94 -0.34 -15.14
CA GLU A 61 9.98 -1.33 -15.39
C GLU A 61 10.29 -2.12 -14.13
N GLY A 62 9.27 -2.80 -13.61
CA GLY A 62 9.44 -3.60 -12.40
C GLY A 62 8.65 -4.89 -12.44
N ILE A 63 8.36 -5.37 -13.65
CA ILE A 63 7.60 -6.60 -13.81
C ILE A 63 8.53 -7.79 -14.07
N ALA A 64 8.10 -8.97 -13.66
CA ALA A 64 8.89 -10.18 -13.86
C ALA A 64 8.51 -10.88 -15.16
N GLU A 65 9.28 -10.63 -16.21
CA GLU A 65 9.03 -11.24 -17.51
C GLU A 65 10.32 -11.75 -18.13
N GLY A 1 12.22 -13.15 -3.61
CA GLY A 1 12.51 -13.12 -5.04
C GLY A 1 12.10 -11.81 -5.68
N SER A 2 12.26 -11.73 -7.00
CA SER A 2 11.91 -10.52 -7.74
C SER A 2 10.43 -10.16 -7.52
N MET A 3 10.16 -8.87 -7.48
CA MET A 3 8.79 -8.39 -7.28
C MET A 3 7.96 -8.57 -8.54
N LYS A 4 6.91 -9.38 -8.45
CA LYS A 4 6.03 -9.64 -9.59
C LYS A 4 5.02 -8.51 -9.76
N LYS A 5 4.44 -8.40 -10.96
CA LYS A 5 3.45 -7.37 -11.25
C LYS A 5 2.31 -7.42 -10.25
N GLU A 6 1.99 -8.62 -9.77
CA GLU A 6 0.91 -8.79 -8.80
C GLU A 6 1.41 -8.51 -7.38
N GLU A 7 2.72 -8.63 -7.18
CA GLU A 7 3.32 -8.39 -5.87
C GLU A 7 3.59 -6.90 -5.65
N LEU A 8 3.65 -6.15 -6.76
CA LEU A 8 3.91 -4.72 -6.69
C LEU A 8 2.80 -4.00 -5.92
N ILE A 9 1.57 -4.48 -6.09
CA ILE A 9 0.43 -3.88 -5.41
C ILE A 9 0.22 -4.50 -4.04
N ASP A 10 0.77 -5.70 -3.86
CA ASP A 10 0.64 -6.40 -2.58
C ASP A 10 1.69 -5.90 -1.58
N LYS A 11 2.94 -5.84 -2.01
CA LYS A 11 4.02 -5.38 -1.16
C LYS A 11 3.68 -4.02 -0.54
N ILE A 12 3.21 -3.10 -1.37
CA ILE A 12 2.85 -1.77 -0.89
C ILE A 12 1.79 -1.83 0.19
N LYS A 13 0.86 -2.77 0.04
CA LYS A 13 -0.22 -2.95 1.01
C LYS A 13 0.34 -3.21 2.41
N ALA A 14 1.19 -4.23 2.52
CA ALA A 14 1.81 -4.59 3.79
C ALA A 14 2.86 -3.56 4.20
N ASN A 15 3.47 -2.93 3.20
CA ASN A 15 4.50 -1.93 3.45
C ASN A 15 3.88 -0.60 3.87
N ASN A 16 2.62 -0.40 3.48
CA ASN A 16 1.90 0.83 3.80
C ASN A 16 1.42 0.83 5.25
N ARG A 17 0.62 -0.18 5.59
CA ARG A 17 0.09 -0.31 6.94
C ARG A 17 1.22 -0.58 7.94
N LEU A 18 2.44 -0.71 7.43
CA LEU A 18 3.59 -0.97 8.28
C LEU A 18 3.66 0.02 9.44
N LEU A 19 3.11 1.21 9.23
CA LEU A 19 3.10 2.25 10.25
C LEU A 19 2.32 1.79 11.48
N ASN A 20 1.01 1.65 11.33
CA ASN A 20 0.14 1.22 12.42
C ASN A 20 0.24 2.18 13.59
N ALA A 21 -0.20 3.42 13.37
CA ALA A 21 -0.17 4.44 14.40
C ALA A 21 -1.55 5.05 14.62
N VAL A 22 -2.08 5.70 13.59
CA VAL A 22 -3.39 6.32 13.66
C VAL A 22 -4.44 5.47 12.94
N VAL A 23 -4.11 5.07 11.72
CA VAL A 23 -5.03 4.26 10.92
C VAL A 23 -4.78 2.76 11.14
N GLN A 24 -4.07 2.45 12.22
CA GLN A 24 -3.77 1.06 12.56
C GLN A 24 -5.04 0.27 12.82
N GLU A 25 -6.12 0.97 13.15
CA GLU A 25 -7.39 0.34 13.43
C GLU A 25 -8.26 0.29 12.18
N MET A 26 -8.09 1.27 11.30
CA MET A 26 -8.85 1.33 10.06
C MET A 26 -8.20 0.48 8.97
N TYR A 27 -6.95 0.78 8.67
CA TYR A 27 -6.22 0.05 7.65
C TYR A 27 -6.18 -1.44 7.97
N LEU A 28 -6.33 -1.77 9.25
CA LEU A 28 -6.31 -3.16 9.70
C LEU A 28 -7.56 -3.89 9.23
N ASP A 29 -8.59 -3.14 8.85
CA ASP A 29 -9.84 -3.71 8.38
C ASP A 29 -9.66 -4.38 7.03
N ASN A 30 -9.11 -5.60 7.05
CA ASN A 30 -8.88 -6.35 5.82
C ASN A 30 -10.19 -6.68 5.13
N SER A 31 -11.28 -6.69 5.90
CA SER A 31 -12.60 -7.00 5.36
C SER A 31 -13.33 -5.71 4.96
N LEU A 32 -12.56 -4.67 4.65
CA LEU A 32 -13.13 -3.39 4.25
C LEU A 32 -12.57 -2.94 2.90
N ASP A 33 -13.27 -2.02 2.25
CA ASP A 33 -12.84 -1.51 0.96
C ASP A 33 -11.56 -0.68 1.11
N ILE A 34 -10.54 -1.03 0.34
CA ILE A 34 -9.27 -0.32 0.38
C ILE A 34 -9.48 1.18 0.45
N LYS A 35 -10.46 1.67 -0.32
CA LYS A 35 -10.76 3.10 -0.36
C LYS A 35 -11.33 3.56 0.98
N THR A 36 -12.17 2.74 1.58
CA THR A 36 -12.78 3.06 2.87
C THR A 36 -11.72 3.44 3.89
N ARG A 37 -10.77 2.54 4.12
CA ARG A 37 -9.70 2.78 5.08
C ARG A 37 -8.69 3.79 4.53
N ASP A 38 -8.55 3.82 3.20
CA ASP A 38 -7.62 4.74 2.55
C ASP A 38 -7.96 6.18 2.90
N TYR A 39 -9.26 6.48 2.95
CA TYR A 39 -9.72 7.83 3.27
C TYR A 39 -9.04 8.36 4.53
N TYR A 40 -9.23 7.66 5.64
CA TYR A 40 -8.64 8.05 6.90
C TYR A 40 -7.13 7.84 6.90
N ALA A 41 -6.63 7.21 5.84
CA ALA A 41 -5.20 6.96 5.70
C ALA A 41 -4.48 8.16 5.09
N SER A 42 -4.97 9.35 5.41
CA SER A 42 -4.38 10.58 4.89
C SER A 42 -3.35 11.14 5.87
N ASN A 43 -3.59 10.93 7.16
CA ASN A 43 -2.68 11.42 8.20
C ASN A 43 -1.37 10.65 8.16
N ILE A 44 -1.46 9.33 8.05
CA ILE A 44 -0.27 8.48 8.01
C ILE A 44 0.30 8.40 6.59
N THR A 45 -0.22 9.24 5.70
CA THR A 45 0.23 9.26 4.32
C THR A 45 1.75 9.27 4.24
N SER A 46 2.39 9.84 5.27
CA SER A 46 3.85 9.91 5.32
C SER A 46 4.47 8.58 4.90
N VAL A 47 3.82 7.48 5.25
CA VAL A 47 4.30 6.15 4.91
C VAL A 47 3.60 5.60 3.67
N ARG A 48 2.34 6.01 3.49
CA ARG A 48 1.55 5.56 2.35
C ARG A 48 2.24 5.91 1.03
N GLN A 49 2.78 7.12 0.97
CA GLN A 49 3.48 7.59 -0.23
C GLN A 49 4.63 6.65 -0.58
N ASN A 50 5.40 6.26 0.42
CA ASN A 50 6.53 5.37 0.22
C ASN A 50 6.13 4.17 -0.64
N GLY A 51 5.11 3.44 -0.21
CA GLY A 51 4.65 2.29 -0.95
C GLY A 51 3.90 2.67 -2.22
N ASP A 52 2.84 3.45 -2.06
CA ASP A 52 2.04 3.88 -3.20
C ASP A 52 2.92 4.41 -4.32
N GLN A 53 4.08 4.95 -3.95
CA GLN A 53 5.03 5.48 -4.93
C GLN A 53 5.52 4.39 -5.86
N ILE A 54 5.89 3.25 -5.29
CA ILE A 54 6.38 2.12 -6.08
C ILE A 54 5.32 1.63 -7.05
N ILE A 55 4.06 1.67 -6.63
CA ILE A 55 2.96 1.24 -7.47
C ILE A 55 3.04 1.86 -8.86
N GLN A 56 3.52 3.10 -8.92
CA GLN A 56 3.66 3.80 -10.19
C GLN A 56 4.99 3.46 -10.86
N ILE A 57 6.03 3.32 -10.06
CA ILE A 57 7.36 3.00 -10.58
C ILE A 57 7.33 1.71 -11.38
N LEU A 58 6.92 0.62 -10.74
CA LEU A 58 6.84 -0.67 -11.39
C LEU A 58 5.82 -0.66 -12.54
N ASP A 59 4.89 0.29 -12.46
CA ASP A 59 3.86 0.42 -13.50
C ASP A 59 4.44 1.01 -14.77
N GLU A 60 5.25 2.06 -14.62
CA GLU A 60 5.86 2.73 -15.75
C GLU A 60 7.09 1.96 -16.23
N GLU A 61 7.91 1.51 -15.29
CA GLU A 61 9.12 0.77 -15.62
C GLU A 61 8.79 -0.66 -16.03
N GLY A 62 7.75 -1.22 -15.41
CA GLY A 62 7.34 -2.57 -15.72
C GLY A 62 7.73 -3.57 -14.64
N ILE A 63 6.98 -4.65 -14.55
CA ILE A 63 7.25 -5.69 -13.55
C ILE A 63 7.45 -7.04 -14.21
N ALA A 64 8.22 -7.91 -13.55
CA ALA A 64 8.49 -9.24 -14.06
C ALA A 64 7.43 -10.24 -13.59
N GLU A 65 6.53 -10.60 -14.49
CA GLU A 65 5.47 -11.54 -14.16
C GLU A 65 5.34 -12.62 -15.24
N GLY A 1 12.97 -14.49 -5.49
CA GLY A 1 13.72 -14.05 -6.65
C GLY A 1 13.64 -12.55 -6.85
N SER A 2 12.75 -12.12 -7.74
CA SER A 2 12.58 -10.70 -8.03
C SER A 2 11.13 -10.27 -7.78
N MET A 3 10.89 -8.96 -7.88
CA MET A 3 9.55 -8.41 -7.68
C MET A 3 8.66 -8.71 -8.88
N LYS A 4 7.63 -9.53 -8.65
CA LYS A 4 6.69 -9.89 -9.71
C LYS A 4 5.64 -8.80 -9.90
N LYS A 5 5.04 -8.76 -11.09
CA LYS A 5 4.01 -7.77 -11.39
C LYS A 5 2.81 -7.94 -10.47
N GLU A 6 2.58 -9.17 -10.02
CA GLU A 6 1.46 -9.45 -9.13
C GLU A 6 1.85 -9.25 -7.67
N GLU A 7 3.15 -9.39 -7.38
CA GLU A 7 3.64 -9.22 -6.03
C GLU A 7 3.95 -7.75 -5.74
N LEU A 8 4.13 -6.97 -6.80
CA LEU A 8 4.42 -5.55 -6.67
C LEU A 8 3.25 -4.81 -6.04
N ILE A 9 2.10 -4.87 -6.70
CA ILE A 9 0.90 -4.21 -6.20
C ILE A 9 0.51 -4.72 -4.82
N ASP A 10 0.99 -5.92 -4.49
CA ASP A 10 0.70 -6.53 -3.20
C ASP A 10 1.69 -6.05 -2.13
N LYS A 11 2.97 -6.02 -2.50
CA LYS A 11 4.01 -5.57 -1.59
C LYS A 11 3.69 -4.22 -1.00
N ILE A 12 3.27 -3.29 -1.85
CA ILE A 12 2.92 -1.94 -1.40
C ILE A 12 1.78 -1.98 -0.39
N LYS A 13 0.84 -2.89 -0.59
CA LYS A 13 -0.30 -3.03 0.31
C LYS A 13 0.17 -3.32 1.73
N ALA A 14 1.03 -4.33 1.87
CA ALA A 14 1.55 -4.72 3.17
C ALA A 14 2.60 -3.72 3.66
N ASN A 15 3.32 -3.11 2.71
CA ASN A 15 4.35 -2.14 3.03
C ASN A 15 3.74 -0.81 3.45
N ASN A 16 2.53 -0.53 2.97
CA ASN A 16 1.84 0.70 3.28
C ASN A 16 1.30 0.67 4.71
N ARG A 17 0.43 -0.29 4.99
CA ARG A 17 -0.16 -0.43 6.32
C ARG A 17 0.90 -0.82 7.34
N LEU A 18 2.12 -1.03 6.87
CA LEU A 18 3.23 -1.41 7.75
C LEU A 18 3.34 -0.45 8.93
N LEU A 19 2.89 0.79 8.73
CA LEU A 19 2.93 1.80 9.78
C LEU A 19 2.07 1.39 10.97
N ASN A 20 0.75 1.39 10.76
CA ASN A 20 -0.18 1.01 11.82
C ASN A 20 -0.03 1.92 13.03
N ALA A 21 -0.28 3.21 12.84
CA ALA A 21 -0.17 4.18 13.91
C ALA A 21 -1.52 4.82 14.21
N VAL A 22 -2.06 5.54 13.24
CA VAL A 22 -3.35 6.20 13.39
C VAL A 22 -4.48 5.35 12.84
N VAL A 23 -4.28 4.83 11.62
CA VAL A 23 -5.29 3.99 10.99
C VAL A 23 -5.04 2.51 11.27
N GLN A 24 -4.28 2.24 12.32
CA GLN A 24 -3.97 0.87 12.71
C GLN A 24 -5.24 0.08 13.00
N GLU A 25 -6.34 0.80 13.22
CA GLU A 25 -7.62 0.17 13.51
C GLU A 25 -8.47 0.05 12.25
N MET A 26 -8.37 1.05 11.39
CA MET A 26 -9.13 1.07 10.13
C MET A 26 -8.35 0.38 9.02
N TYR A 27 -7.13 0.87 8.77
CA TYR A 27 -6.29 0.31 7.72
C TYR A 27 -6.11 -1.20 7.92
N LEU A 28 -6.03 -1.62 9.17
CA LEU A 28 -5.86 -3.04 9.50
C LEU A 28 -7.20 -3.78 9.44
N ASP A 29 -8.29 -3.01 9.38
CA ASP A 29 -9.63 -3.59 9.32
C ASP A 29 -9.87 -4.28 7.98
N ASN A 30 -9.40 -5.52 7.88
CA ASN A 30 -9.56 -6.29 6.65
C ASN A 30 -11.03 -6.51 6.34
N SER A 31 -11.88 -6.42 7.36
CA SER A 31 -13.31 -6.61 7.20
C SER A 31 -14.01 -5.28 6.94
N LEU A 32 -13.27 -4.31 6.42
CA LEU A 32 -13.82 -2.99 6.13
C LEU A 32 -13.57 -2.60 4.68
N ASP A 33 -14.36 -1.66 4.18
CA ASP A 33 -14.21 -1.19 2.81
C ASP A 33 -12.92 -0.40 2.63
N ILE A 34 -12.10 -0.83 1.68
CA ILE A 34 -10.84 -0.17 1.41
C ILE A 34 -10.99 1.34 1.41
N LYS A 35 -12.14 1.81 0.91
CA LYS A 35 -12.41 3.24 0.85
C LYS A 35 -12.67 3.80 2.25
N THR A 36 -13.45 3.07 3.04
CA THR A 36 -13.79 3.49 4.39
C THR A 36 -12.53 3.87 5.17
N ARG A 37 -11.59 2.92 5.27
CA ARG A 37 -10.34 3.16 5.99
C ARG A 37 -9.46 4.14 5.24
N ASP A 38 -9.54 4.10 3.91
CA ASP A 38 -8.74 4.99 3.07
C ASP A 38 -8.98 6.45 3.45
N TYR A 39 -10.23 6.80 3.70
CA TYR A 39 -10.59 8.16 4.08
C TYR A 39 -9.74 8.64 5.24
N TYR A 40 -9.81 7.93 6.35
CA TYR A 40 -9.05 8.28 7.55
C TYR A 40 -7.55 8.05 7.33
N ALA A 41 -7.21 7.41 6.21
CA ALA A 41 -5.83 7.13 5.88
C ALA A 41 -5.18 8.31 5.17
N SER A 42 -5.69 9.51 5.43
CA SER A 42 -5.17 10.73 4.81
C SER A 42 -4.09 11.35 5.68
N ASN A 43 -4.00 10.90 6.93
CA ASN A 43 -3.01 11.42 7.86
C ASN A 43 -1.71 10.62 7.79
N ILE A 44 -1.84 9.30 7.72
CA ILE A 44 -0.68 8.42 7.64
C ILE A 44 -0.19 8.30 6.20
N THR A 45 -0.76 9.10 5.32
CA THR A 45 -0.38 9.07 3.91
C THR A 45 1.14 9.12 3.74
N SER A 46 1.80 9.70 4.73
CA SER A 46 3.26 9.82 4.69
C SER A 46 3.92 8.44 4.52
N VAL A 47 3.27 7.43 5.09
CA VAL A 47 3.79 6.06 5.00
C VAL A 47 3.17 5.32 3.82
N ARG A 48 1.97 5.74 3.42
CA ARG A 48 1.27 5.10 2.32
C ARG A 48 1.94 5.45 0.99
N GLN A 49 2.20 6.73 0.78
CA GLN A 49 2.83 7.19 -0.45
C GLN A 49 4.14 6.45 -0.70
N ASN A 50 4.85 6.12 0.38
CA ASN A 50 6.11 5.40 0.27
C ASN A 50 5.99 4.21 -0.67
N GLY A 51 4.99 3.38 -0.44
CA GLY A 51 4.77 2.21 -1.28
C GLY A 51 4.16 2.56 -2.61
N ASP A 52 3.03 3.26 -2.58
CA ASP A 52 2.34 3.67 -3.80
C ASP A 52 3.31 4.32 -4.77
N GLN A 53 4.33 4.98 -4.23
CA GLN A 53 5.32 5.66 -5.06
C GLN A 53 6.06 4.67 -5.95
N ILE A 54 6.33 3.49 -5.40
CA ILE A 54 7.04 2.45 -6.15
C ILE A 54 6.16 1.86 -7.24
N ILE A 55 4.86 1.82 -6.98
CA ILE A 55 3.91 1.28 -7.95
C ILE A 55 4.11 1.90 -9.32
N GLN A 56 4.48 3.18 -9.33
CA GLN A 56 4.71 3.89 -10.59
C GLN A 56 6.09 3.58 -11.16
N ILE A 57 7.07 3.43 -10.27
CA ILE A 57 8.44 3.13 -10.68
C ILE A 57 8.49 1.83 -11.49
N LEU A 58 8.02 0.74 -10.88
CA LEU A 58 8.01 -0.55 -11.55
C LEU A 58 7.02 -0.57 -12.70
N ASP A 59 6.05 0.33 -12.65
CA ASP A 59 5.03 0.42 -13.69
C ASP A 59 5.63 0.99 -14.98
N GLU A 60 6.62 1.87 -14.84
CA GLU A 60 7.27 2.48 -15.98
C GLU A 60 8.23 1.50 -16.65
N GLU A 61 9.28 1.13 -15.93
CA GLU A 61 10.28 0.20 -16.44
C GLU A 61 9.67 -1.17 -16.67
N GLY A 62 8.72 -1.55 -15.82
CA GLY A 62 8.07 -2.84 -15.95
C GLY A 62 8.42 -3.78 -14.80
N ILE A 63 7.82 -4.96 -14.82
CA ILE A 63 8.06 -5.96 -13.77
C ILE A 63 8.62 -7.25 -14.35
N ALA A 64 9.32 -8.01 -13.53
CA ALA A 64 9.91 -9.28 -13.96
C ALA A 64 8.93 -10.43 -13.79
N GLU A 65 8.25 -10.80 -14.87
CA GLU A 65 7.28 -11.88 -14.84
C GLU A 65 7.44 -12.80 -16.04
N GLY A 1 13.98 -12.02 -5.44
CA GLY A 1 14.61 -11.81 -6.73
C GLY A 1 13.92 -10.73 -7.55
N SER A 2 12.85 -11.13 -8.24
CA SER A 2 12.11 -10.20 -9.08
C SER A 2 10.67 -10.04 -8.56
N MET A 3 10.30 -8.82 -8.22
CA MET A 3 8.96 -8.54 -7.72
C MET A 3 7.94 -8.57 -8.85
N LYS A 4 6.93 -9.42 -8.70
CA LYS A 4 5.89 -9.55 -9.72
C LYS A 4 4.85 -8.45 -9.57
N LYS A 5 4.04 -8.27 -10.60
CA LYS A 5 2.99 -7.25 -10.59
C LYS A 5 1.97 -7.52 -9.48
N GLU A 6 1.73 -8.80 -9.22
CA GLU A 6 0.78 -9.21 -8.20
C GLU A 6 1.41 -9.13 -6.80
N GLU A 7 2.73 -9.25 -6.76
CA GLU A 7 3.46 -9.20 -5.49
C GLU A 7 3.75 -7.75 -5.09
N LEU A 8 3.98 -6.90 -6.09
CA LEU A 8 4.28 -5.50 -5.84
C LEU A 8 3.04 -4.78 -5.29
N ILE A 9 1.95 -4.84 -6.04
CA ILE A 9 0.71 -4.19 -5.63
C ILE A 9 0.27 -4.66 -4.25
N ASP A 10 0.72 -5.85 -3.86
CA ASP A 10 0.39 -6.41 -2.56
C ASP A 10 1.40 -5.97 -1.50
N LYS A 11 2.67 -6.02 -1.86
CA LYS A 11 3.74 -5.63 -0.94
C LYS A 11 3.43 -4.28 -0.30
N ILE A 12 2.96 -3.34 -1.11
CA ILE A 12 2.63 -2.01 -0.63
C ILE A 12 1.49 -2.06 0.39
N LYS A 13 0.47 -2.83 0.08
CA LYS A 13 -0.68 -2.98 0.97
C LYS A 13 -0.23 -3.35 2.39
N ALA A 14 0.87 -4.10 2.48
CA ALA A 14 1.41 -4.52 3.76
C ALA A 14 2.51 -3.59 4.22
N ASN A 15 3.25 -3.03 3.28
CA ASN A 15 4.35 -2.12 3.59
C ASN A 15 3.82 -0.75 3.98
N ASN A 16 2.57 -0.47 3.60
CA ASN A 16 1.94 0.81 3.92
C ASN A 16 1.44 0.82 5.36
N ARG A 17 0.62 -0.16 5.70
CA ARG A 17 0.06 -0.26 7.05
C ARG A 17 1.17 -0.51 8.07
N LEU A 18 2.39 -0.68 7.59
CA LEU A 18 3.53 -0.93 8.47
C LEU A 18 3.59 0.12 9.57
N LEU A 19 3.05 1.30 9.31
CA LEU A 19 3.03 2.38 10.28
C LEU A 19 2.24 1.99 11.53
N ASN A 20 0.92 1.89 11.37
CA ASN A 20 0.05 1.52 12.48
C ASN A 20 0.17 2.51 13.63
N ALA A 21 -0.22 3.76 13.37
CA ALA A 21 -0.15 4.81 14.38
C ALA A 21 -1.51 5.48 14.57
N VAL A 22 -2.07 5.99 13.47
CA VAL A 22 -3.37 6.65 13.52
C VAL A 22 -4.47 5.76 12.95
N VAL A 23 -4.26 5.28 11.72
CA VAL A 23 -5.23 4.42 11.06
C VAL A 23 -4.92 2.94 11.33
N GLN A 24 -4.13 2.69 12.38
CA GLN A 24 -3.77 1.32 12.73
C GLN A 24 -5.00 0.49 13.05
N GLU A 25 -6.10 1.17 13.36
CA GLU A 25 -7.35 0.51 13.69
C GLU A 25 -8.24 0.36 12.46
N MET A 26 -8.12 1.31 11.54
CA MET A 26 -8.91 1.28 10.31
C MET A 26 -8.22 0.45 9.24
N TYR A 27 -6.97 0.77 8.95
CA TYR A 27 -6.20 0.05 7.94
C TYR A 27 -6.17 -1.45 8.25
N LEU A 28 -6.30 -1.79 9.54
CA LEU A 28 -6.28 -3.18 9.96
C LEU A 28 -7.52 -3.91 9.45
N ASP A 29 -8.51 -3.16 8.99
CA ASP A 29 -9.74 -3.74 8.46
C ASP A 29 -9.48 -4.45 7.14
N ASN A 30 -8.94 -5.66 7.22
CA ASN A 30 -8.65 -6.46 6.03
C ASN A 30 -9.93 -6.85 5.31
N SER A 31 -11.03 -6.87 6.04
CA SER A 31 -12.33 -7.22 5.46
C SER A 31 -13.07 -5.98 5.00
N LEU A 32 -12.32 -4.93 4.67
CA LEU A 32 -12.91 -3.67 4.22
C LEU A 32 -12.33 -3.26 2.87
N ASP A 33 -13.05 -2.39 2.16
CA ASP A 33 -12.59 -1.91 0.86
C ASP A 33 -11.34 -1.06 1.00
N ILE A 34 -10.30 -1.41 0.27
CA ILE A 34 -9.04 -0.68 0.31
C ILE A 34 -9.28 0.83 0.31
N LYS A 35 -10.24 1.27 -0.51
CA LYS A 35 -10.58 2.68 -0.60
C LYS A 35 -11.19 3.18 0.71
N THR A 36 -12.05 2.37 1.30
CA THR A 36 -12.71 2.73 2.56
C THR A 36 -11.69 3.17 3.60
N ARG A 37 -10.74 2.30 3.89
CA ARG A 37 -9.70 2.60 4.88
C ARG A 37 -8.70 3.61 4.32
N ASP A 38 -8.50 3.57 3.00
CA ASP A 38 -7.57 4.47 2.34
C ASP A 38 -7.90 5.92 2.66
N TYR A 39 -9.19 6.24 2.67
CA TYR A 39 -9.64 7.60 2.97
C TYR A 39 -9.03 8.12 4.27
N TYR A 40 -9.33 7.43 5.36
CA TYR A 40 -8.80 7.82 6.66
C TYR A 40 -7.29 7.68 6.70
N ALA A 41 -6.73 6.97 5.73
CA ALA A 41 -5.29 6.76 5.66
C ALA A 41 -4.61 7.93 4.96
N SER A 42 -5.15 9.13 5.16
CA SER A 42 -4.60 10.32 4.53
C SER A 42 -3.60 11.02 5.47
N ASN A 43 -3.85 10.90 6.77
CA ASN A 43 -2.98 11.51 7.77
C ASN A 43 -1.64 10.79 7.84
N ILE A 44 -1.69 9.47 7.82
CA ILE A 44 -0.48 8.66 7.88
C ILE A 44 0.13 8.47 6.49
N THR A 45 -0.38 9.22 5.52
CA THR A 45 0.11 9.14 4.15
C THR A 45 1.64 9.16 4.11
N SER A 46 2.25 9.79 5.10
CA SER A 46 3.70 9.88 5.18
C SER A 46 4.33 8.51 5.04
N VAL A 47 3.58 7.47 5.38
CA VAL A 47 4.06 6.10 5.28
C VAL A 47 3.48 5.39 4.07
N ARG A 48 2.33 5.86 3.61
CA ARG A 48 1.68 5.27 2.45
C ARG A 48 2.46 5.57 1.17
N GLN A 49 2.87 6.82 1.01
CA GLN A 49 3.63 7.23 -0.18
C GLN A 49 4.86 6.34 -0.37
N ASN A 50 5.47 5.93 0.74
CA ASN A 50 6.64 5.08 0.70
C ASN A 50 6.42 3.89 -0.22
N GLY A 51 5.32 3.18 0.01
CA GLY A 51 5.00 2.01 -0.81
C GLY A 51 4.32 2.39 -2.10
N ASP A 52 3.24 3.16 -2.01
CA ASP A 52 2.50 3.59 -3.19
C ASP A 52 3.44 4.15 -4.26
N GLN A 53 4.54 4.73 -3.81
CA GLN A 53 5.53 5.31 -4.72
C GLN A 53 6.10 4.25 -5.64
N ILE A 54 6.56 3.15 -5.05
CA ILE A 54 7.14 2.05 -5.82
C ILE A 54 6.18 1.57 -6.90
N ILE A 55 4.90 1.48 -6.55
CA ILE A 55 3.88 1.04 -7.49
C ILE A 55 3.89 1.88 -8.75
N GLN A 56 3.94 3.20 -8.57
CA GLN A 56 3.95 4.12 -9.70
C GLN A 56 5.20 3.93 -10.55
N ILE A 57 6.32 3.65 -9.89
CA ILE A 57 7.58 3.44 -10.58
C ILE A 57 7.54 2.18 -11.44
N LEU A 58 7.28 1.05 -10.81
CA LEU A 58 7.19 -0.23 -11.52
C LEU A 58 6.05 -0.22 -12.52
N ASP A 59 5.09 0.67 -12.31
CA ASP A 59 3.93 0.79 -13.20
C ASP A 59 4.34 1.38 -14.54
N GLU A 60 5.37 2.23 -14.53
CA GLU A 60 5.85 2.87 -15.75
C GLU A 60 6.70 1.90 -16.56
N GLU A 61 7.80 1.43 -15.96
CA GLU A 61 8.69 0.51 -16.63
C GLU A 61 8.04 -0.85 -16.83
N GLY A 62 7.21 -1.25 -15.87
CA GLY A 62 6.52 -2.53 -15.96
C GLY A 62 7.05 -3.54 -14.96
N ILE A 63 6.19 -4.48 -14.57
CA ILE A 63 6.57 -5.51 -13.62
C ILE A 63 6.79 -6.86 -14.31
N ALA A 64 7.61 -7.70 -13.70
CA ALA A 64 7.89 -9.02 -14.26
C ALA A 64 6.88 -10.06 -13.76
N GLU A 65 5.93 -10.40 -14.62
CA GLU A 65 4.90 -11.38 -14.26
C GLU A 65 4.68 -12.38 -15.39
N GLY A 1 16.39 -11.41 -8.27
CA GLY A 1 14.98 -11.62 -8.52
C GLY A 1 14.18 -10.33 -8.46
N SER A 2 12.96 -10.37 -8.99
CA SER A 2 12.09 -9.21 -8.99
C SER A 2 10.66 -9.59 -8.62
N MET A 3 9.94 -8.63 -8.03
CA MET A 3 8.56 -8.87 -7.62
C MET A 3 7.63 -8.86 -8.82
N LYS A 4 6.57 -9.67 -8.75
CA LYS A 4 5.60 -9.77 -9.83
C LYS A 4 4.61 -8.61 -9.78
N LYS A 5 3.98 -8.34 -10.91
CA LYS A 5 3.00 -7.25 -11.00
C LYS A 5 1.89 -7.45 -9.97
N GLU A 6 1.65 -8.70 -9.59
CA GLU A 6 0.61 -9.01 -8.61
C GLU A 6 1.16 -8.95 -7.20
N GLU A 7 2.47 -9.15 -7.06
CA GLU A 7 3.11 -9.14 -5.76
C GLU A 7 3.46 -7.71 -5.34
N LEU A 8 3.77 -6.88 -6.33
CA LEU A 8 4.13 -5.48 -6.08
C LEU A 8 2.91 -4.69 -5.60
N ILE A 9 1.85 -4.72 -6.40
CA ILE A 9 0.63 -4.01 -6.06
C ILE A 9 0.09 -4.44 -4.71
N ASP A 10 0.50 -5.63 -4.28
CA ASP A 10 0.06 -6.17 -2.99
C ASP A 10 1.04 -5.81 -1.88
N LYS A 11 2.34 -5.92 -2.19
CA LYS A 11 3.37 -5.61 -1.22
C LYS A 11 3.15 -4.23 -0.61
N ILE A 12 2.76 -3.27 -1.43
CA ILE A 12 2.51 -1.92 -0.97
C ILE A 12 1.43 -1.90 0.11
N LYS A 13 0.43 -2.75 -0.04
CA LYS A 13 -0.66 -2.84 0.92
C LYS A 13 -0.13 -3.16 2.31
N ALA A 14 0.61 -4.25 2.42
CA ALA A 14 1.19 -4.66 3.70
C ALA A 14 2.32 -3.73 4.12
N ASN A 15 3.01 -3.17 3.14
CA ASN A 15 4.13 -2.27 3.41
C ASN A 15 3.62 -0.89 3.84
N ASN A 16 2.39 -0.56 3.43
CA ASN A 16 1.79 0.72 3.78
C ASN A 16 1.29 0.71 5.22
N ARG A 17 0.41 -0.24 5.54
CA ARG A 17 -0.14 -0.35 6.88
C ARG A 17 0.95 -0.73 7.88
N LEU A 18 2.15 -0.97 7.38
CA LEU A 18 3.28 -1.34 8.23
C LEU A 18 3.45 -0.33 9.37
N LEU A 19 2.98 0.89 9.15
CA LEU A 19 3.08 1.93 10.15
C LEU A 19 2.31 1.56 11.41
N ASN A 20 0.99 1.52 11.31
CA ASN A 20 0.14 1.18 12.45
C ASN A 20 0.30 2.19 13.58
N ALA A 21 -0.07 3.44 13.31
CA ALA A 21 0.03 4.49 14.30
C ALA A 21 -1.34 5.13 14.55
N VAL A 22 -1.87 5.80 13.54
CA VAL A 22 -3.17 6.46 13.65
C VAL A 22 -4.27 5.61 13.02
N VAL A 23 -4.04 5.16 11.80
CA VAL A 23 -5.01 4.34 11.09
C VAL A 23 -4.75 2.85 11.32
N GLN A 24 -4.02 2.54 12.39
CA GLN A 24 -3.70 1.16 12.72
C GLN A 24 -4.97 0.37 13.02
N GLU A 25 -6.03 1.07 13.39
CA GLU A 25 -7.31 0.43 13.71
C GLU A 25 -8.22 0.43 12.49
N MET A 26 -8.06 1.43 11.64
CA MET A 26 -8.87 1.54 10.43
C MET A 26 -8.31 0.68 9.30
N TYR A 27 -7.07 0.92 8.94
CA TYR A 27 -6.41 0.17 7.87
C TYR A 27 -6.40 -1.32 8.20
N LEU A 28 -6.46 -1.64 9.48
CA LEU A 28 -6.45 -3.04 9.93
C LEU A 28 -7.75 -3.74 9.53
N ASP A 29 -8.76 -2.95 9.19
CA ASP A 29 -10.05 -3.50 8.79
C ASP A 29 -9.94 -4.20 7.44
N ASN A 30 -9.42 -5.41 7.45
CA ASN A 30 -9.27 -6.19 6.22
C ASN A 30 -10.62 -6.51 5.60
N SER A 31 -11.66 -6.49 6.43
CA SER A 31 -13.01 -6.78 5.97
C SER A 31 -13.74 -5.51 5.58
N LEU A 32 -12.97 -4.49 5.21
CA LEU A 32 -13.54 -3.20 4.82
C LEU A 32 -13.04 -2.78 3.44
N ASP A 33 -13.77 -1.87 2.80
CA ASP A 33 -13.39 -1.38 1.47
C ASP A 33 -12.11 -0.57 1.55
N ILE A 34 -11.12 -0.96 0.73
CA ILE A 34 -9.85 -0.26 0.70
C ILE A 34 -10.04 1.26 0.72
N LYS A 35 -11.03 1.73 -0.02
CA LYS A 35 -11.33 3.15 -0.07
C LYS A 35 -11.82 3.66 1.28
N THR A 36 -12.68 2.87 1.92
CA THR A 36 -13.23 3.24 3.23
C THR A 36 -12.12 3.62 4.21
N ARG A 37 -11.18 2.71 4.42
CA ARG A 37 -10.08 2.95 5.32
C ARG A 37 -9.06 3.93 4.72
N ASP A 38 -8.97 3.90 3.39
CA ASP A 38 -8.04 4.79 2.68
C ASP A 38 -8.29 6.24 3.06
N TYR A 39 -9.56 6.61 3.17
CA TYR A 39 -9.94 7.98 3.52
C TYR A 39 -9.21 8.43 4.78
N TYR A 40 -9.46 7.73 5.88
CA TYR A 40 -8.83 8.06 7.15
C TYR A 40 -7.32 7.87 7.09
N ALA A 41 -6.86 7.18 6.05
CA ALA A 41 -5.44 6.92 5.86
C ALA A 41 -4.76 8.09 5.16
N SER A 42 -5.26 9.30 5.40
CA SER A 42 -4.70 10.50 4.79
C SER A 42 -3.64 11.13 5.69
N ASN A 43 -3.81 10.97 7.00
CA ASN A 43 -2.87 11.52 7.96
C ASN A 43 -1.55 10.76 7.93
N ILE A 44 -1.65 9.43 7.90
CA ILE A 44 -0.46 8.58 7.87
C ILE A 44 0.05 8.41 6.46
N THR A 45 -0.52 9.17 5.53
CA THR A 45 -0.12 9.09 4.12
C THR A 45 1.40 9.13 3.99
N SER A 46 2.06 9.77 4.94
CA SER A 46 3.51 9.88 4.93
C SER A 46 4.16 8.50 4.75
N VAL A 47 3.52 7.48 5.33
CA VAL A 47 4.03 6.12 5.26
C VAL A 47 3.43 5.38 4.06
N ARG A 48 2.23 5.78 3.66
CA ARG A 48 1.55 5.17 2.53
C ARG A 48 2.25 5.49 1.22
N GLN A 49 2.59 6.77 1.05
CA GLN A 49 3.27 7.22 -0.16
C GLN A 49 4.52 6.38 -0.43
N ASN A 50 5.20 5.99 0.64
CA ASN A 50 6.41 5.18 0.52
C ASN A 50 6.17 3.96 -0.38
N GLY A 51 5.10 3.23 -0.09
CA GLY A 51 4.78 2.05 -0.86
C GLY A 51 4.13 2.39 -2.19
N ASP A 52 3.03 3.13 -2.13
CA ASP A 52 2.31 3.52 -3.34
C ASP A 52 3.27 4.11 -4.37
N GLN A 53 4.34 4.74 -3.89
CA GLN A 53 5.34 5.35 -4.77
C GLN A 53 6.00 4.29 -5.65
N ILE A 54 6.52 3.25 -5.01
CA ILE A 54 7.18 2.17 -5.74
C ILE A 54 6.32 1.67 -6.90
N ILE A 55 5.03 1.52 -6.64
CA ILE A 55 4.10 1.05 -7.66
C ILE A 55 4.22 1.87 -8.93
N GLN A 56 4.28 3.19 -8.77
CA GLN A 56 4.40 4.09 -9.91
C GLN A 56 5.66 3.80 -10.71
N ILE A 57 6.71 3.37 -10.02
CA ILE A 57 7.98 3.05 -10.66
C ILE A 57 7.88 1.73 -11.44
N LEU A 58 7.55 0.66 -10.73
CA LEU A 58 7.42 -0.65 -11.35
C LEU A 58 6.35 -0.64 -12.44
N ASP A 59 5.38 0.26 -12.30
CA ASP A 59 4.30 0.38 -13.27
C ASP A 59 4.78 1.07 -14.53
N GLU A 60 5.67 2.06 -14.37
CA GLU A 60 6.20 2.81 -15.49
C GLU A 60 7.26 2.00 -16.24
N GLU A 61 8.13 1.33 -15.48
CA GLU A 61 9.19 0.53 -16.07
C GLU A 61 8.66 -0.84 -16.49
N GLY A 62 7.68 -1.34 -15.74
CA GLY A 62 7.10 -2.64 -16.05
C GLY A 62 7.53 -3.71 -15.06
N ILE A 63 6.60 -4.61 -14.74
CA ILE A 63 6.88 -5.69 -13.80
C ILE A 63 7.08 -7.02 -14.54
N ALA A 64 7.81 -7.93 -13.90
CA ALA A 64 8.08 -9.23 -14.49
C ALA A 64 7.01 -10.25 -14.08
N GLU A 65 6.10 -10.53 -14.99
CA GLU A 65 5.02 -11.49 -14.72
C GLU A 65 4.12 -10.99 -13.60
N GLY A 1 13.11 -14.59 -9.50
CA GLY A 1 14.17 -13.63 -9.75
C GLY A 1 13.84 -12.25 -9.22
N SER A 2 13.75 -11.28 -10.11
CA SER A 2 13.45 -9.91 -9.72
C SER A 2 12.02 -9.79 -9.20
N MET A 3 11.65 -8.59 -8.76
CA MET A 3 10.31 -8.34 -8.24
C MET A 3 9.29 -8.30 -9.36
N LYS A 4 8.34 -9.24 -9.35
CA LYS A 4 7.31 -9.29 -10.37
C LYS A 4 6.23 -8.25 -10.11
N LYS A 5 5.70 -7.67 -11.18
CA LYS A 5 4.66 -6.66 -11.08
C LYS A 5 3.49 -7.17 -10.23
N GLU A 6 3.31 -8.48 -10.22
CA GLU A 6 2.23 -9.10 -9.45
C GLU A 6 2.60 -9.20 -7.98
N GLU A 7 3.90 -9.32 -7.70
CA GLU A 7 4.39 -9.42 -6.33
C GLU A 7 4.55 -8.04 -5.70
N LEU A 8 4.95 -7.07 -6.51
CA LEU A 8 5.14 -5.70 -6.03
C LEU A 8 3.81 -5.08 -5.62
N ILE A 9 2.86 -5.06 -6.55
CA ILE A 9 1.54 -4.50 -6.29
C ILE A 9 0.94 -5.07 -5.02
N ASP A 10 1.34 -6.31 -4.68
CA ASP A 10 0.84 -6.97 -3.49
C ASP A 10 1.69 -6.62 -2.27
N LYS A 11 3.00 -6.56 -2.48
CA LYS A 11 3.93 -6.23 -1.40
C LYS A 11 3.63 -4.85 -0.81
N ILE A 12 3.36 -3.89 -1.68
CA ILE A 12 3.04 -2.53 -1.24
C ILE A 12 1.75 -2.51 -0.43
N LYS A 13 0.82 -3.38 -0.77
CA LYS A 13 -0.45 -3.45 -0.06
C LYS A 13 -0.23 -3.75 1.42
N ALA A 14 0.71 -4.65 1.71
CA ALA A 14 1.02 -5.02 3.09
C ALA A 14 2.11 -4.12 3.66
N ASN A 15 2.84 -3.44 2.78
CA ASN A 15 3.91 -2.55 3.20
C ASN A 15 3.36 -1.18 3.56
N ASN A 16 2.20 -0.85 3.03
CA ASN A 16 1.56 0.44 3.30
C ASN A 16 1.06 0.51 4.73
N ARG A 17 0.13 -0.38 5.08
CA ARG A 17 -0.43 -0.43 6.42
C ARG A 17 0.62 -0.84 7.44
N LEU A 18 1.82 -1.14 6.95
CA LEU A 18 2.92 -1.55 7.82
C LEU A 18 3.07 -0.60 9.01
N LEU A 19 2.68 0.65 8.80
CA LEU A 19 2.77 1.67 9.85
C LEU A 19 1.89 1.30 11.04
N ASN A 20 0.58 1.37 10.84
CA ASN A 20 -0.37 1.03 11.89
C ASN A 20 -0.16 1.93 13.12
N ALA A 21 -0.34 3.23 12.93
CA ALA A 21 -0.16 4.19 14.01
C ALA A 21 -1.48 4.89 14.34
N VAL A 22 -1.99 5.64 13.35
CA VAL A 22 -3.24 6.37 13.54
C VAL A 22 -4.43 5.57 12.99
N VAL A 23 -4.27 5.04 11.78
CA VAL A 23 -5.32 4.25 11.15
C VAL A 23 -5.15 2.76 11.44
N GLN A 24 -4.39 2.45 12.50
CA GLN A 24 -4.15 1.07 12.89
C GLN A 24 -5.46 0.34 13.18
N GLU A 25 -6.52 1.12 13.41
CA GLU A 25 -7.83 0.55 13.71
C GLU A 25 -8.69 0.47 12.45
N MET A 26 -8.54 1.47 11.58
CA MET A 26 -9.31 1.51 10.34
C MET A 26 -8.57 0.78 9.22
N TYR A 27 -7.34 1.20 8.96
CA TYR A 27 -6.53 0.58 7.92
C TYR A 27 -6.43 -0.92 8.12
N LEU A 28 -6.36 -1.35 9.38
CA LEU A 28 -6.26 -2.76 9.71
C LEU A 28 -7.64 -3.43 9.68
N ASP A 29 -8.69 -2.60 9.61
CA ASP A 29 -10.06 -3.11 9.57
C ASP A 29 -10.34 -3.81 8.25
N ASN A 30 -9.97 -5.09 8.18
CA ASN A 30 -10.18 -5.88 6.97
C ASN A 30 -11.67 -5.99 6.64
N SER A 31 -12.51 -5.79 7.66
CA SER A 31 -13.95 -5.87 7.48
C SER A 31 -14.53 -4.49 7.20
N LEU A 32 -13.72 -3.61 6.65
CA LEU A 32 -14.15 -2.24 6.33
C LEU A 32 -13.87 -1.92 4.87
N ASP A 33 -14.59 -0.94 4.34
CA ASP A 33 -14.42 -0.52 2.95
C ASP A 33 -13.08 0.17 2.75
N ILE A 34 -12.29 -0.35 1.83
CA ILE A 34 -10.97 0.22 1.53
C ILE A 34 -11.03 1.74 1.50
N LYS A 35 -12.09 2.27 0.89
CA LYS A 35 -12.26 3.72 0.78
C LYS A 35 -12.56 4.33 2.15
N THR A 36 -13.42 3.67 2.91
CA THR A 36 -13.79 4.15 4.24
C THR A 36 -12.55 4.46 5.07
N ARG A 37 -11.70 3.45 5.25
CA ARG A 37 -10.48 3.61 6.03
C ARG A 37 -9.48 4.50 5.30
N ASP A 38 -9.47 4.42 3.97
CA ASP A 38 -8.57 5.23 3.16
C ASP A 38 -8.72 6.71 3.49
N TYR A 39 -9.97 7.15 3.64
CA TYR A 39 -10.24 8.56 3.95
C TYR A 39 -9.46 9.00 5.18
N TYR A 40 -9.69 8.33 6.30
CA TYR A 40 -9.00 8.65 7.54
C TYR A 40 -7.50 8.40 7.43
N ALA A 41 -7.11 7.68 6.38
CA ALA A 41 -5.71 7.38 6.15
C ALA A 41 -5.00 8.51 5.40
N SER A 42 -5.46 9.73 5.65
CA SER A 42 -4.87 10.91 5.00
C SER A 42 -3.74 11.49 5.85
N ASN A 43 -3.65 11.04 7.09
CA ASN A 43 -2.61 11.53 8.00
C ASN A 43 -1.37 10.65 7.91
N ILE A 44 -1.57 9.33 7.86
CA ILE A 44 -0.47 8.39 7.77
C ILE A 44 -0.02 8.20 6.33
N THR A 45 -0.59 9.00 5.43
CA THR A 45 -0.26 8.91 4.01
C THR A 45 1.25 8.91 3.80
N SER A 46 1.98 9.51 4.75
CA SER A 46 3.43 9.58 4.67
C SER A 46 4.03 8.18 4.50
N VAL A 47 3.32 7.18 4.98
CA VAL A 47 3.78 5.79 4.88
C VAL A 47 3.10 5.08 3.71
N ARG A 48 1.94 5.58 3.31
CA ARG A 48 1.19 4.98 2.21
C ARG A 48 1.88 5.26 0.87
N GLN A 49 2.23 6.52 0.64
CA GLN A 49 2.89 6.92 -0.59
C GLN A 49 4.16 6.09 -0.82
N ASN A 50 4.82 5.73 0.26
CA ASN A 50 6.05 4.93 0.17
C ASN A 50 5.86 3.75 -0.76
N GLY A 51 4.79 2.99 -0.55
CA GLY A 51 4.52 1.83 -1.39
C GLY A 51 3.79 2.20 -2.66
N ASP A 52 2.70 2.95 -2.52
CA ASP A 52 1.90 3.38 -3.67
C ASP A 52 2.79 3.99 -4.75
N GLN A 53 3.85 4.69 -4.31
CA GLN A 53 4.77 5.33 -5.24
C GLN A 53 5.53 4.29 -6.07
N ILE A 54 5.85 3.17 -5.44
CA ILE A 54 6.57 2.10 -6.11
C ILE A 54 5.67 1.35 -7.09
N ILE A 55 4.37 1.33 -6.78
CA ILE A 55 3.40 0.65 -7.64
C ILE A 55 3.61 1.02 -9.10
N GLN A 56 3.52 2.32 -9.39
CA GLN A 56 3.69 2.81 -10.76
C GLN A 56 5.13 2.59 -11.23
N ILE A 57 6.08 2.77 -10.32
CA ILE A 57 7.49 2.59 -10.65
C ILE A 57 7.75 1.21 -11.22
N LEU A 58 7.44 0.18 -10.44
CA LEU A 58 7.64 -1.21 -10.87
C LEU A 58 6.65 -1.58 -11.97
N ASP A 59 5.53 -0.87 -12.02
CA ASP A 59 4.50 -1.13 -13.02
C ASP A 59 4.95 -0.62 -14.39
N GLU A 60 5.75 0.45 -14.39
CA GLU A 60 6.24 1.03 -15.64
C GLU A 60 7.42 0.24 -16.18
N GLU A 61 8.32 -0.17 -15.29
CA GLU A 61 9.50 -0.94 -15.69
C GLU A 61 10.06 -1.72 -14.50
N GLY A 62 9.23 -2.58 -13.92
CA GLY A 62 9.67 -3.37 -12.78
C GLY A 62 9.03 -4.75 -12.76
N ILE A 63 8.73 -5.28 -13.93
CA ILE A 63 8.11 -6.60 -14.03
C ILE A 63 9.15 -7.66 -14.36
N ALA A 64 8.90 -8.89 -13.90
CA ALA A 64 9.80 -10.00 -14.14
C ALA A 64 9.38 -10.80 -15.37
N GLU A 65 10.02 -10.52 -16.50
CA GLU A 65 9.71 -11.22 -17.74
C GLU A 65 10.98 -11.61 -18.49
N GLY A 1 13.03 -12.77 -4.08
CA GLY A 1 13.87 -12.53 -5.23
C GLY A 1 13.36 -11.37 -6.09
N SER A 2 13.44 -11.52 -7.40
CA SER A 2 12.99 -10.49 -8.32
C SER A 2 11.55 -10.11 -8.03
N MET A 3 11.26 -8.80 -8.08
CA MET A 3 9.92 -8.30 -7.83
C MET A 3 9.00 -8.57 -9.01
N LYS A 4 7.96 -9.38 -8.78
CA LYS A 4 7.01 -9.71 -9.83
C LYS A 4 5.97 -8.62 -10.00
N LYS A 5 5.50 -8.43 -11.22
CA LYS A 5 4.49 -7.42 -11.52
C LYS A 5 3.27 -7.59 -10.63
N GLU A 6 3.00 -8.84 -10.23
CA GLU A 6 1.86 -9.13 -9.38
C GLU A 6 2.24 -9.03 -7.91
N GLU A 7 3.54 -9.10 -7.64
CA GLU A 7 4.04 -9.02 -6.27
C GLU A 7 4.22 -7.57 -5.84
N LEU A 8 4.49 -6.70 -6.82
CA LEU A 8 4.68 -5.29 -6.53
C LEU A 8 3.38 -4.64 -6.05
N ILE A 9 2.27 -5.08 -6.61
CA ILE A 9 0.96 -4.55 -6.23
C ILE A 9 0.48 -5.14 -4.92
N ASP A 10 1.06 -6.28 -4.54
CA ASP A 10 0.70 -6.96 -3.30
C ASP A 10 1.58 -6.48 -2.15
N LYS A 11 2.89 -6.42 -2.41
CA LYS A 11 3.84 -5.98 -1.39
C LYS A 11 3.45 -4.62 -0.82
N ILE A 12 3.02 -3.73 -1.70
CA ILE A 12 2.62 -2.39 -1.29
C ILE A 12 1.53 -2.44 -0.22
N LYS A 13 0.63 -3.40 -0.36
CA LYS A 13 -0.47 -3.57 0.58
C LYS A 13 0.05 -3.98 1.96
N ALA A 14 1.01 -4.90 1.97
CA ALA A 14 1.60 -5.37 3.23
C ALA A 14 2.71 -4.44 3.68
N ASN A 15 3.03 -3.45 2.86
CA ASN A 15 4.09 -2.49 3.18
C ASN A 15 3.49 -1.14 3.57
N ASN A 16 2.31 -0.84 3.06
CA ASN A 16 1.63 0.41 3.35
C ASN A 16 1.12 0.43 4.79
N ARG A 17 0.24 -0.51 5.11
CA ARG A 17 -0.32 -0.59 6.45
C ARG A 17 0.74 -0.96 7.47
N LEU A 18 1.95 -1.21 6.99
CA LEU A 18 3.07 -1.57 7.85
C LEU A 18 3.23 -0.57 8.99
N LEU A 19 2.79 0.66 8.74
CA LEU A 19 2.88 1.72 9.74
C LEU A 19 2.04 1.37 10.98
N ASN A 20 0.73 1.39 10.82
CA ASN A 20 -0.18 1.08 11.91
C ASN A 20 0.02 2.04 13.09
N ALA A 21 -0.23 3.32 12.83
CA ALA A 21 -0.08 4.34 13.87
C ALA A 21 -1.40 5.05 14.14
N VAL A 22 -1.92 5.73 13.13
CA VAL A 22 -3.19 6.44 13.27
C VAL A 22 -4.35 5.62 12.73
N VAL A 23 -4.18 5.06 11.54
CA VAL A 23 -5.22 4.23 10.92
C VAL A 23 -5.01 2.76 11.26
N GLN A 24 -4.26 2.50 12.32
CA GLN A 24 -3.99 1.13 12.74
C GLN A 24 -5.29 0.39 13.08
N GLU A 25 -6.35 1.16 13.29
CA GLU A 25 -7.65 0.58 13.62
C GLU A 25 -8.52 0.46 12.38
N MET A 26 -8.40 1.43 11.48
CA MET A 26 -9.17 1.43 10.24
C MET A 26 -8.44 0.68 9.14
N TYR A 27 -7.22 1.09 8.85
CA TYR A 27 -6.41 0.46 7.82
C TYR A 27 -6.29 -1.04 8.06
N LEU A 28 -6.19 -1.42 9.33
CA LEU A 28 -6.07 -2.83 9.70
C LEU A 28 -7.44 -3.51 9.69
N ASP A 29 -8.50 -2.70 9.61
CA ASP A 29 -9.86 -3.23 9.59
C ASP A 29 -10.14 -3.95 8.27
N ASN A 30 -9.73 -5.21 8.20
CA ASN A 30 -9.93 -6.00 6.99
C ASN A 30 -11.42 -6.17 6.69
N SER A 31 -12.25 -6.00 7.73
CA SER A 31 -13.69 -6.14 7.58
C SER A 31 -14.34 -4.78 7.31
N LEU A 32 -13.56 -3.87 6.75
CA LEU A 32 -14.05 -2.53 6.44
C LEU A 32 -13.83 -2.20 4.97
N ASP A 33 -14.59 -1.24 4.47
CA ASP A 33 -14.47 -0.81 3.08
C ASP A 33 -13.14 -0.09 2.84
N ILE A 34 -12.37 -0.58 1.88
CA ILE A 34 -11.09 0.03 1.55
C ILE A 34 -11.18 1.55 1.54
N LYS A 35 -12.26 2.07 0.99
CA LYS A 35 -12.48 3.51 0.92
C LYS A 35 -12.71 4.10 2.30
N THR A 36 -13.49 3.40 3.11
CA THR A 36 -13.77 3.86 4.47
C THR A 36 -12.50 4.18 5.23
N ARG A 37 -11.60 3.20 5.32
CA ARG A 37 -10.33 3.39 6.02
C ARG A 37 -9.40 4.30 5.23
N ASP A 38 -9.53 4.25 3.90
CA ASP A 38 -8.69 5.07 3.03
C ASP A 38 -8.87 6.55 3.36
N TYR A 39 -10.11 6.96 3.59
CA TYR A 39 -10.40 8.35 3.91
C TYR A 39 -9.53 8.84 5.06
N TYR A 40 -9.62 8.16 6.19
CA TYR A 40 -8.83 8.53 7.37
C TYR A 40 -7.36 8.24 7.15
N ALA A 41 -7.04 7.56 6.06
CA ALA A 41 -5.66 7.22 5.73
C ALA A 41 -4.98 8.36 4.98
N SER A 42 -5.45 9.58 5.22
CA SER A 42 -4.88 10.76 4.56
C SER A 42 -3.78 11.37 5.41
N ASN A 43 -3.70 10.96 6.67
CA ASN A 43 -2.69 11.47 7.59
C ASN A 43 -1.43 10.62 7.53
N ILE A 44 -1.60 9.31 7.49
CA ILE A 44 -0.47 8.38 7.43
C ILE A 44 0.00 8.19 5.99
N THR A 45 -0.54 9.00 5.08
CA THR A 45 -0.17 8.91 3.68
C THR A 45 1.35 8.86 3.51
N SER A 46 2.07 9.45 4.46
CA SER A 46 3.53 9.47 4.42
C SER A 46 4.08 8.05 4.28
N VAL A 47 3.39 7.08 4.87
CA VAL A 47 3.82 5.70 4.80
C VAL A 47 3.16 4.97 3.63
N ARG A 48 1.99 5.44 3.23
CA ARG A 48 1.25 4.84 2.13
C ARG A 48 1.95 5.12 0.80
N GLN A 49 2.29 6.39 0.58
CA GLN A 49 2.96 6.79 -0.66
C GLN A 49 4.22 5.96 -0.90
N ASN A 50 4.88 5.58 0.18
CA ASN A 50 6.10 4.78 0.09
C ASN A 50 5.88 3.57 -0.81
N GLY A 51 4.82 2.82 -0.54
CA GLY A 51 4.52 1.65 -1.33
C GLY A 51 3.83 1.98 -2.65
N ASP A 52 2.73 2.72 -2.56
CA ASP A 52 1.99 3.11 -3.75
C ASP A 52 2.91 3.71 -4.80
N GLN A 53 3.99 4.32 -4.34
CA GLN A 53 4.96 4.93 -5.24
C GLN A 53 5.60 3.89 -6.15
N ILE A 54 6.07 2.79 -5.56
CA ILE A 54 6.69 1.72 -6.33
C ILE A 54 5.81 1.29 -7.48
N ILE A 55 4.51 1.16 -7.22
CA ILE A 55 3.56 0.76 -8.25
C ILE A 55 3.73 1.59 -9.52
N GLN A 56 4.12 2.84 -9.35
CA GLN A 56 4.32 3.74 -10.47
C GLN A 56 5.69 3.53 -11.10
N ILE A 57 6.68 3.20 -10.28
CA ILE A 57 8.04 2.98 -10.75
C ILE A 57 8.13 1.67 -11.53
N LEU A 58 7.77 0.57 -10.88
CA LEU A 58 7.82 -0.75 -11.52
C LEU A 58 6.99 -0.76 -12.79
N ASP A 59 5.92 0.03 -12.81
CA ASP A 59 5.04 0.11 -13.96
C ASP A 59 5.73 0.84 -15.12
N GLU A 60 6.58 1.80 -14.77
CA GLU A 60 7.30 2.58 -15.77
C GLU A 60 8.46 1.77 -16.36
N GLU A 61 9.47 1.50 -15.54
CA GLU A 61 10.63 0.74 -15.98
C GLU A 61 10.24 -0.68 -16.38
N GLY A 62 9.25 -1.22 -15.68
CA GLY A 62 8.79 -2.57 -15.98
C GLY A 62 9.06 -3.54 -14.85
N ILE A 63 8.48 -4.73 -14.95
CA ILE A 63 8.66 -5.76 -13.92
C ILE A 63 9.21 -7.05 -14.52
N ALA A 64 9.83 -7.87 -13.67
CA ALA A 64 10.39 -9.14 -14.12
C ALA A 64 9.36 -10.25 -14.04
N GLU A 65 8.93 -10.74 -15.20
CA GLU A 65 7.94 -11.81 -15.27
C GLU A 65 8.30 -12.82 -16.34
N GLY A 1 13.70 -14.69 -7.47
CA GLY A 1 13.08 -13.91 -8.54
C GLY A 1 12.64 -12.54 -8.08
N SER A 2 12.75 -11.56 -8.97
CA SER A 2 12.36 -10.19 -8.65
C SER A 2 10.90 -10.11 -8.24
N MET A 3 10.42 -8.91 -7.94
CA MET A 3 9.04 -8.70 -7.54
C MET A 3 8.10 -8.82 -8.75
N LYS A 4 7.09 -9.67 -8.61
CA LYS A 4 6.12 -9.88 -9.69
C LYS A 4 5.06 -8.78 -9.69
N LYS A 5 4.32 -8.67 -10.78
CA LYS A 5 3.27 -7.67 -10.91
C LYS A 5 2.21 -7.87 -9.84
N GLU A 6 2.00 -9.11 -9.43
CA GLU A 6 1.01 -9.43 -8.41
C GLU A 6 1.60 -9.33 -7.01
N GLU A 7 2.93 -9.45 -6.93
CA GLU A 7 3.63 -9.38 -5.66
C GLU A 7 3.90 -7.93 -5.27
N LEU A 8 4.12 -7.08 -6.27
CA LEU A 8 4.40 -5.67 -6.05
C LEU A 8 3.14 -4.93 -5.61
N ILE A 9 2.09 -5.04 -6.42
CA ILE A 9 0.82 -4.38 -6.12
C ILE A 9 0.30 -4.81 -4.74
N ASP A 10 0.76 -5.97 -4.28
CA ASP A 10 0.34 -6.48 -2.98
C ASP A 10 1.33 -6.09 -1.89
N LYS A 11 2.62 -6.07 -2.24
CA LYS A 11 3.66 -5.72 -1.29
C LYS A 11 3.37 -4.37 -0.64
N ILE A 12 2.87 -3.43 -1.43
CA ILE A 12 2.55 -2.10 -0.93
C ILE A 12 1.54 -2.17 0.22
N LYS A 13 0.61 -3.12 0.12
CA LYS A 13 -0.41 -3.29 1.14
C LYS A 13 0.21 -3.76 2.45
N ALA A 14 1.25 -4.59 2.35
CA ALA A 14 1.94 -5.10 3.53
C ALA A 14 3.19 -4.27 3.84
N ASN A 15 3.36 -3.18 3.10
CA ASN A 15 4.50 -2.30 3.31
C ASN A 15 4.05 -0.91 3.74
N ASN A 16 2.84 -0.53 3.35
CA ASN A 16 2.30 0.78 3.70
C ASN A 16 1.74 0.77 5.12
N ARG A 17 0.85 -0.18 5.39
CA ARG A 17 0.24 -0.29 6.71
C ARG A 17 1.29 -0.59 7.78
N LEU A 18 2.53 -0.76 7.34
CA LEU A 18 3.63 -1.06 8.25
C LEU A 18 3.67 -0.04 9.39
N LEU A 19 3.15 1.15 9.13
CA LEU A 19 3.13 2.22 10.13
C LEU A 19 2.30 1.80 11.34
N ASN A 20 0.98 1.76 11.15
CA ASN A 20 0.07 1.37 12.23
C ASN A 20 0.19 2.33 13.41
N ALA A 21 -0.16 3.59 13.18
CA ALA A 21 -0.10 4.60 14.23
C ALA A 21 -1.48 5.21 14.49
N VAL A 22 -2.08 5.78 13.45
CA VAL A 22 -3.39 6.39 13.57
C VAL A 22 -4.47 5.50 12.97
N VAL A 23 -4.25 5.05 11.74
CA VAL A 23 -5.21 4.18 11.06
C VAL A 23 -4.89 2.71 11.31
N GLN A 24 -4.09 2.45 12.34
CA GLN A 24 -3.71 1.08 12.68
C GLN A 24 -4.95 0.24 12.96
N GLU A 25 -6.06 0.89 13.26
CA GLU A 25 -7.30 0.19 13.56
C GLU A 25 -8.18 0.11 12.32
N MET A 26 -8.13 1.14 11.49
CA MET A 26 -8.93 1.19 10.26
C MET A 26 -8.20 0.49 9.12
N TYR A 27 -6.98 0.93 8.84
CA TYR A 27 -6.19 0.35 7.76
C TYR A 27 -6.06 -1.16 7.93
N LEU A 28 -6.14 -1.61 9.18
CA LEU A 28 -6.03 -3.04 9.48
C LEU A 28 -7.22 -3.81 8.91
N ASP A 29 -8.28 -3.08 8.58
CA ASP A 29 -9.48 -3.70 8.01
C ASP A 29 -9.21 -4.20 6.60
N ASN A 30 -8.61 -5.38 6.50
CA ASN A 30 -8.30 -5.98 5.21
C ASN A 30 -9.58 -6.34 4.45
N SER A 31 -10.66 -6.55 5.19
CA SER A 31 -11.94 -6.89 4.60
C SER A 31 -12.80 -5.65 4.37
N LEU A 32 -12.14 -4.52 4.15
CA LEU A 32 -12.84 -3.26 3.91
C LEU A 32 -12.40 -2.63 2.59
N ASP A 33 -13.22 -1.71 2.09
CA ASP A 33 -12.92 -1.03 0.83
C ASP A 33 -11.69 -0.14 0.98
N ILE A 34 -10.69 -0.37 0.13
CA ILE A 34 -9.46 0.41 0.16
C ILE A 34 -9.76 1.88 0.35
N LYS A 35 -10.76 2.39 -0.38
CA LYS A 35 -11.14 3.79 -0.28
C LYS A 35 -11.71 4.11 1.10
N THR A 36 -12.48 3.18 1.64
CA THR A 36 -13.09 3.36 2.96
C THR A 36 -12.04 3.74 3.99
N ARG A 37 -11.02 2.89 4.14
CA ARG A 37 -9.96 3.15 5.11
C ARG A 37 -9.01 4.23 4.59
N ASP A 38 -8.87 4.30 3.27
CA ASP A 38 -8.00 5.29 2.66
C ASP A 38 -8.36 6.71 3.11
N TYR A 39 -9.65 6.96 3.23
CA TYR A 39 -10.14 8.27 3.65
C TYR A 39 -9.43 8.73 4.92
N TYR A 40 -9.59 7.96 5.99
CA TYR A 40 -8.98 8.29 7.27
C TYR A 40 -7.47 8.09 7.21
N ALA A 41 -7.00 7.47 6.13
CA ALA A 41 -5.57 7.22 5.95
C ALA A 41 -4.89 8.42 5.28
N SER A 42 -5.41 9.61 5.56
CA SER A 42 -4.85 10.83 4.97
C SER A 42 -3.79 11.43 5.89
N ASN A 43 -3.92 11.17 7.19
CA ASN A 43 -2.97 11.69 8.18
C ASN A 43 -1.67 10.89 8.14
N ILE A 44 -1.79 9.57 8.06
CA ILE A 44 -0.62 8.70 8.01
C ILE A 44 -0.11 8.52 6.58
N THR A 45 -0.65 9.33 5.67
CA THR A 45 -0.25 9.26 4.26
C THR A 45 1.25 9.20 4.13
N SER A 46 1.96 9.78 5.10
CA SER A 46 3.42 9.80 5.07
C SER A 46 3.98 8.40 4.84
N VAL A 47 3.20 7.39 5.22
CA VAL A 47 3.61 6.01 5.06
C VAL A 47 2.89 5.35 3.88
N ARG A 48 1.77 5.94 3.49
CA ARG A 48 0.99 5.42 2.38
C ARG A 48 1.69 5.67 1.05
N GLN A 49 2.06 6.92 0.80
CA GLN A 49 2.74 7.29 -0.43
C GLN A 49 3.98 6.43 -0.65
N ASN A 50 4.55 5.93 0.44
CA ASN A 50 5.74 5.09 0.36
C ASN A 50 5.53 3.95 -0.63
N GLY A 51 4.39 3.27 -0.51
CA GLY A 51 4.09 2.17 -1.41
C GLY A 51 3.59 2.63 -2.75
N ASP A 52 2.53 3.42 -2.75
CA ASP A 52 1.96 3.94 -3.99
C ASP A 52 3.03 4.55 -4.88
N GLN A 53 4.07 5.10 -4.25
CA GLN A 53 5.17 5.72 -4.99
C GLN A 53 5.88 4.69 -5.86
N ILE A 54 6.07 3.49 -5.33
CA ILE A 54 6.73 2.42 -6.06
C ILE A 54 5.79 1.80 -7.09
N ILE A 55 4.51 1.74 -6.76
CA ILE A 55 3.52 1.17 -7.66
C ILE A 55 3.63 1.77 -9.06
N GLN A 56 3.62 3.10 -9.12
CA GLN A 56 3.73 3.81 -10.39
C GLN A 56 5.05 3.51 -11.07
N ILE A 57 6.12 3.46 -10.28
CA ILE A 57 7.45 3.18 -10.81
C ILE A 57 7.48 1.85 -11.56
N LEU A 58 7.04 0.79 -10.90
CA LEU A 58 7.00 -0.53 -11.51
C LEU A 58 5.90 -0.63 -12.55
N ASP A 59 4.86 0.17 -12.38
CA ASP A 59 3.74 0.19 -13.31
C ASP A 59 4.12 0.84 -14.63
N GLU A 60 5.05 1.79 -14.56
CA GLU A 60 5.51 2.50 -15.75
C GLU A 60 6.50 1.65 -16.54
N GLU A 61 7.57 1.23 -15.87
CA GLU A 61 8.60 0.42 -16.51
C GLU A 61 8.09 -0.99 -16.77
N GLY A 62 7.25 -1.50 -15.87
CA GLY A 62 6.70 -2.83 -16.02
C GLY A 62 7.27 -3.82 -15.03
N ILE A 63 6.45 -4.77 -14.60
CA ILE A 63 6.89 -5.77 -13.65
C ILE A 63 7.14 -7.12 -14.33
N ALA A 64 8.01 -7.93 -13.73
CA ALA A 64 8.34 -9.23 -14.28
C ALA A 64 7.38 -10.30 -13.75
N GLU A 65 6.43 -10.71 -14.58
CA GLU A 65 5.45 -11.72 -14.20
C GLU A 65 5.30 -12.76 -15.30
N GLY A 1 14.12 -13.08 -7.79
CA GLY A 1 14.49 -11.74 -8.15
C GLY A 1 13.48 -10.71 -7.66
N SER A 2 13.16 -9.73 -8.50
CA SER A 2 12.21 -8.68 -8.14
C SER A 2 10.81 -9.26 -8.01
N MET A 3 9.88 -8.42 -7.54
CA MET A 3 8.49 -8.85 -7.37
C MET A 3 7.78 -8.92 -8.71
N LYS A 4 6.73 -9.74 -8.77
CA LYS A 4 5.96 -9.90 -10.00
C LYS A 4 5.00 -8.74 -10.20
N LYS A 5 4.51 -8.59 -11.42
CA LYS A 5 3.58 -7.50 -11.76
C LYS A 5 2.36 -7.55 -10.84
N GLU A 6 2.06 -8.73 -10.32
CA GLU A 6 0.91 -8.91 -9.42
C GLU A 6 1.31 -8.66 -7.97
N GLU A 7 2.60 -8.88 -7.68
CA GLU A 7 3.10 -8.68 -6.32
C GLU A 7 3.47 -7.23 -6.08
N LEU A 8 3.83 -6.53 -7.14
CA LEU A 8 4.20 -5.12 -7.06
C LEU A 8 3.15 -4.33 -6.28
N ILE A 9 1.88 -4.60 -6.58
CA ILE A 9 0.79 -3.91 -5.91
C ILE A 9 0.44 -4.59 -4.59
N ASP A 10 0.84 -5.85 -4.45
CA ASP A 10 0.57 -6.60 -3.23
C ASP A 10 1.54 -6.21 -2.13
N LYS A 11 2.84 -6.31 -2.41
CA LYS A 11 3.86 -5.96 -1.44
C LYS A 11 3.59 -4.60 -0.81
N ILE A 12 3.38 -3.60 -1.66
CA ILE A 12 3.10 -2.25 -1.18
C ILE A 12 1.81 -2.21 -0.37
N LYS A 13 0.84 -3.03 -0.76
CA LYS A 13 -0.44 -3.09 -0.07
C LYS A 13 -0.24 -3.40 1.42
N ALA A 14 0.63 -4.36 1.70
CA ALA A 14 0.90 -4.76 3.08
C ALA A 14 2.01 -3.88 3.68
N ASN A 15 2.79 -3.24 2.82
CA ASN A 15 3.87 -2.39 3.27
C ASN A 15 3.35 -1.01 3.67
N ASN A 16 2.17 -0.66 3.16
CA ASN A 16 1.56 0.63 3.47
C ASN A 16 1.12 0.69 4.93
N ARG A 17 0.25 -0.25 5.32
CA ARG A 17 -0.25 -0.31 6.69
C ARG A 17 0.88 -0.65 7.66
N LEU A 18 2.07 -0.90 7.11
CA LEU A 18 3.22 -1.25 7.94
C LEU A 18 3.38 -0.29 9.11
N LEU A 19 2.91 0.94 8.91
CA LEU A 19 3.00 1.96 9.95
C LEU A 19 2.18 1.56 11.17
N ASN A 20 0.86 1.53 11.02
CA ASN A 20 -0.04 1.17 12.10
C ASN A 20 0.10 2.14 13.28
N ALA A 21 -0.27 3.40 13.04
CA ALA A 21 -0.19 4.42 14.07
C ALA A 21 -1.56 5.01 14.38
N VAL A 22 -2.21 5.55 13.35
CA VAL A 22 -3.53 6.15 13.50
C VAL A 22 -4.60 5.29 12.83
N VAL A 23 -4.34 4.90 11.59
CA VAL A 23 -5.28 4.08 10.84
C VAL A 23 -5.01 2.59 11.06
N GLN A 24 -4.27 2.29 12.11
CA GLN A 24 -3.93 0.91 12.44
C GLN A 24 -5.17 0.14 12.88
N GLU A 25 -6.23 0.88 13.21
CA GLU A 25 -7.47 0.27 13.65
C GLU A 25 -8.47 0.16 12.49
N MET A 26 -8.45 1.16 11.62
CA MET A 26 -9.35 1.19 10.47
C MET A 26 -8.73 0.48 9.27
N TYR A 27 -7.53 0.89 8.90
CA TYR A 27 -6.82 0.30 7.78
C TYR A 27 -6.67 -1.21 7.96
N LEU A 28 -6.54 -1.63 9.22
CA LEU A 28 -6.38 -3.04 9.54
C LEU A 28 -7.73 -3.71 9.72
N ASP A 29 -8.79 -2.91 9.73
CA ASP A 29 -10.15 -3.43 9.89
C ASP A 29 -10.57 -4.22 8.66
N ASN A 30 -10.27 -5.52 8.67
CA ASN A 30 -10.61 -6.39 7.55
C ASN A 30 -12.12 -6.42 7.33
N SER A 31 -12.88 -6.02 8.35
CA SER A 31 -14.34 -6.00 8.26
C SER A 31 -14.83 -4.62 7.83
N LEU A 32 -13.96 -3.86 7.18
CA LEU A 32 -14.31 -2.52 6.71
C LEU A 32 -14.03 -2.38 5.22
N ASP A 33 -14.66 -1.39 4.60
CA ASP A 33 -14.48 -1.14 3.17
C ASP A 33 -13.08 -0.62 2.89
N ILE A 34 -12.36 -1.33 2.02
CA ILE A 34 -11.00 -0.94 1.67
C ILE A 34 -10.92 0.56 1.41
N LYS A 35 -11.93 1.11 0.74
CA LYS A 35 -11.96 2.53 0.43
C LYS A 35 -12.23 3.34 1.68
N THR A 36 -13.12 2.85 2.53
CA THR A 36 -13.46 3.53 3.77
C THR A 36 -12.22 3.93 4.56
N ARG A 37 -11.41 2.93 4.91
CA ARG A 37 -10.18 3.17 5.65
C ARG A 37 -9.19 3.98 4.83
N ASP A 38 -9.20 3.77 3.52
CA ASP A 38 -8.31 4.49 2.62
C ASP A 38 -8.46 5.99 2.78
N TYR A 39 -9.71 6.45 2.81
CA TYR A 39 -10.00 7.87 2.96
C TYR A 39 -9.31 8.44 4.20
N TYR A 40 -9.52 7.80 5.34
CA TYR A 40 -8.92 8.25 6.60
C TYR A 40 -7.41 8.00 6.59
N ALA A 41 -6.94 7.30 5.57
CA ALA A 41 -5.52 7.00 5.44
C ALA A 41 -4.77 8.14 4.78
N SER A 42 -5.24 9.37 5.01
CA SER A 42 -4.62 10.54 4.43
C SER A 42 -3.61 11.17 5.40
N ASN A 43 -3.86 10.96 6.69
CA ASN A 43 -2.98 11.50 7.72
C ASN A 43 -1.67 10.71 7.80
N ILE A 44 -1.79 9.39 7.74
CA ILE A 44 -0.62 8.52 7.81
C ILE A 44 0.02 8.36 6.43
N THR A 45 -0.44 9.17 5.48
CA THR A 45 0.09 9.14 4.12
C THR A 45 1.62 9.08 4.12
N SER A 46 2.22 9.66 5.16
CA SER A 46 3.67 9.69 5.28
C SER A 46 4.26 8.30 5.02
N VAL A 47 3.50 7.27 5.36
CA VAL A 47 3.95 5.89 5.16
C VAL A 47 3.33 5.29 3.91
N ARG A 48 2.17 5.83 3.50
CA ARG A 48 1.47 5.34 2.32
C ARG A 48 2.24 5.69 1.05
N GLN A 49 2.69 6.94 0.96
CA GLN A 49 3.43 7.41 -0.20
C GLN A 49 4.62 6.48 -0.48
N ASN A 50 5.24 5.98 0.57
CA ASN A 50 6.39 5.09 0.44
C ASN A 50 6.08 3.95 -0.52
N GLY A 51 4.97 3.26 -0.27
CA GLY A 51 4.58 2.15 -1.12
C GLY A 51 4.01 2.60 -2.44
N ASP A 52 3.00 3.47 -2.39
CA ASP A 52 2.35 3.99 -3.59
C ASP A 52 3.39 4.52 -4.57
N GLN A 53 4.49 5.05 -4.03
CA GLN A 53 5.56 5.60 -4.87
C GLN A 53 6.20 4.50 -5.71
N ILE A 54 6.41 3.33 -5.11
CA ILE A 54 7.01 2.20 -5.81
C ILE A 54 6.06 1.63 -6.86
N ILE A 55 4.77 1.70 -6.58
CA ILE A 55 3.75 1.19 -7.49
C ILE A 55 3.99 1.70 -8.91
N GLN A 56 4.49 2.93 -9.02
CA GLN A 56 4.76 3.54 -10.31
C GLN A 56 6.15 3.15 -10.81
N ILE A 57 7.10 3.05 -9.88
CA ILE A 57 8.47 2.69 -10.23
C ILE A 57 8.50 1.43 -11.09
N LEU A 58 7.89 0.35 -10.59
CA LEU A 58 7.86 -0.91 -11.32
C LEU A 58 6.90 -0.82 -12.50
N ASP A 59 5.93 0.06 -12.41
CA ASP A 59 4.94 0.25 -13.48
C ASP A 59 5.59 0.92 -14.69
N GLU A 60 6.59 1.76 -14.44
CA GLU A 60 7.28 2.47 -15.51
C GLU A 60 8.26 1.54 -16.23
N GLU A 61 9.30 1.12 -15.51
CA GLU A 61 10.30 0.23 -16.09
C GLU A 61 9.70 -1.11 -16.46
N GLY A 62 8.71 -1.55 -15.67
CA GLY A 62 8.05 -2.82 -15.93
C GLY A 62 8.36 -3.85 -14.87
N ILE A 63 7.40 -4.74 -14.61
CA ILE A 63 7.58 -5.78 -13.61
C ILE A 63 7.86 -7.13 -14.27
N ALA A 64 8.54 -8.00 -13.55
CA ALA A 64 8.88 -9.33 -14.05
C ALA A 64 7.83 -10.35 -13.64
N GLU A 65 6.89 -10.64 -14.54
CA GLU A 65 5.84 -11.60 -14.26
C GLU A 65 6.03 -12.87 -15.09
N GLY A 1 13.52 -14.61 -8.26
CA GLY A 1 14.17 -13.59 -9.06
C GLY A 1 13.74 -12.19 -8.68
N SER A 2 13.80 -11.28 -9.64
CA SER A 2 13.42 -9.89 -9.41
C SER A 2 11.94 -9.78 -9.03
N MET A 3 11.55 -8.63 -8.48
CA MET A 3 10.17 -8.41 -8.09
C MET A 3 9.29 -8.15 -9.30
N LYS A 4 8.30 -9.02 -9.51
CA LYS A 4 7.39 -8.88 -10.64
C LYS A 4 6.34 -7.81 -10.37
N LYS A 5 5.86 -7.18 -11.44
CA LYS A 5 4.85 -6.14 -11.32
C LYS A 5 3.64 -6.64 -10.54
N GLU A 6 3.34 -7.92 -10.69
CA GLU A 6 2.20 -8.52 -9.99
C GLU A 6 2.50 -8.69 -8.51
N GLU A 7 3.77 -8.84 -8.18
CA GLU A 7 4.19 -9.01 -6.79
C GLU A 7 4.36 -7.67 -6.11
N LEU A 8 4.86 -6.69 -6.85
CA LEU A 8 5.06 -5.35 -6.31
C LEU A 8 3.73 -4.66 -6.03
N ILE A 9 2.88 -4.61 -7.04
CA ILE A 9 1.56 -3.98 -6.89
C ILE A 9 0.84 -4.51 -5.66
N ASP A 10 1.16 -5.74 -5.27
CA ASP A 10 0.54 -6.36 -4.11
C ASP A 10 1.34 -6.08 -2.85
N LYS A 11 2.65 -6.26 -2.94
CA LYS A 11 3.53 -6.03 -1.81
C LYS A 11 3.25 -4.66 -1.16
N ILE A 12 2.99 -3.67 -2.00
CA ILE A 12 2.70 -2.33 -1.51
C ILE A 12 1.47 -2.32 -0.61
N LYS A 13 0.49 -3.15 -0.96
CA LYS A 13 -0.74 -3.23 -0.17
C LYS A 13 -0.44 -3.62 1.27
N ALA A 14 0.55 -4.49 1.45
CA ALA A 14 0.94 -4.93 2.79
C ALA A 14 2.06 -4.07 3.34
N ASN A 15 2.68 -3.26 2.48
CA ASN A 15 3.77 -2.39 2.89
C ASN A 15 3.26 -1.01 3.27
N ASN A 16 2.01 -0.72 2.89
CA ASN A 16 1.39 0.56 3.19
C ASN A 16 0.96 0.62 4.66
N ARG A 17 0.07 -0.29 5.04
CA ARG A 17 -0.43 -0.34 6.40
C ARG A 17 0.69 -0.69 7.38
N LEU A 18 1.88 -0.94 6.84
CA LEU A 18 3.04 -1.28 7.67
C LEU A 18 3.19 -0.31 8.83
N LEU A 19 2.74 0.92 8.63
CA LEU A 19 2.82 1.95 9.66
C LEU A 19 1.99 1.56 10.88
N ASN A 20 0.68 1.58 10.72
CA ASN A 20 -0.23 1.24 11.81
C ASN A 20 -0.02 2.15 13.01
N ALA A 21 -0.26 3.44 12.81
CA ALA A 21 -0.10 4.42 13.87
C ALA A 21 -1.43 5.10 14.20
N VAL A 22 -1.99 5.79 13.22
CA VAL A 22 -3.26 6.49 13.40
C VAL A 22 -4.42 5.65 12.91
N VAL A 23 -4.28 5.10 11.69
CA VAL A 23 -5.32 4.27 11.10
C VAL A 23 -5.10 2.80 11.42
N GLN A 24 -4.31 2.55 12.46
CA GLN A 24 -4.02 1.17 12.87
C GLN A 24 -5.30 0.45 13.26
N GLU A 25 -6.36 1.21 13.51
CA GLU A 25 -7.65 0.63 13.90
C GLU A 25 -8.56 0.48 12.69
N MET A 26 -8.51 1.45 11.79
CA MET A 26 -9.34 1.43 10.59
C MET A 26 -8.63 0.68 9.46
N TYR A 27 -7.43 1.12 9.12
CA TYR A 27 -6.65 0.49 8.05
C TYR A 27 -6.49 -1.00 8.31
N LEU A 28 -6.47 -1.38 9.58
CA LEU A 28 -6.32 -2.78 9.96
C LEU A 28 -7.67 -3.45 10.12
N ASP A 29 -8.73 -2.65 10.18
CA ASP A 29 -10.09 -3.16 10.31
C ASP A 29 -10.52 -3.88 9.04
N ASN A 30 -10.15 -5.15 8.93
CA ASN A 30 -10.51 -5.95 7.76
C ASN A 30 -12.02 -6.07 7.61
N SER A 31 -12.73 -5.77 8.70
CA SER A 31 -14.19 -5.85 8.69
C SER A 31 -14.81 -4.49 8.37
N LEU A 32 -14.02 -3.64 7.71
CA LEU A 32 -14.49 -2.31 7.34
C LEU A 32 -14.31 -2.06 5.84
N ASP A 33 -15.06 -1.10 5.31
CA ASP A 33 -14.99 -0.78 3.90
C ASP A 33 -13.65 -0.15 3.55
N ILE A 34 -12.94 -0.74 2.58
CA ILE A 34 -11.65 -0.24 2.16
C ILE A 34 -11.65 1.28 2.05
N LYS A 35 -12.73 1.83 1.48
CA LYS A 35 -12.87 3.27 1.31
C LYS A 35 -13.04 3.96 2.65
N THR A 36 -13.82 3.33 3.54
CA THR A 36 -14.07 3.89 4.87
C THR A 36 -12.76 4.23 5.57
N ARG A 37 -11.90 3.23 5.73
CA ARG A 37 -10.62 3.43 6.39
C ARG A 37 -9.69 4.28 5.53
N ASP A 38 -9.84 4.17 4.21
CA ASP A 38 -9.02 4.93 3.28
C ASP A 38 -9.15 6.43 3.53
N TYR A 39 -10.38 6.87 3.77
CA TYR A 39 -10.64 8.29 4.02
C TYR A 39 -9.77 8.81 5.15
N TYR A 40 -9.83 8.16 6.30
CA TYR A 40 -9.04 8.56 7.45
C TYR A 40 -7.56 8.26 7.24
N ALA A 41 -7.27 7.56 6.15
CA ALA A 41 -5.89 7.21 5.82
C ALA A 41 -5.21 8.34 5.06
N SER A 42 -5.64 9.57 5.29
CA SER A 42 -5.08 10.73 4.63
C SER A 42 -3.99 11.38 5.49
N ASN A 43 -3.95 11.00 6.76
CA ASN A 43 -2.96 11.55 7.68
C ASN A 43 -1.69 10.71 7.67
N ILE A 44 -1.85 9.39 7.57
CA ILE A 44 -0.72 8.48 7.55
C ILE A 44 -0.19 8.29 6.13
N THR A 45 -0.70 9.10 5.21
CA THR A 45 -0.28 9.02 3.82
C THR A 45 1.24 9.00 3.70
N SER A 46 1.92 9.59 4.68
CA SER A 46 3.37 9.62 4.70
C SER A 46 3.96 8.23 4.50
N VAL A 47 3.19 7.22 4.86
CA VAL A 47 3.62 5.83 4.73
C VAL A 47 2.95 5.16 3.53
N ARG A 48 1.81 5.70 3.12
CA ARG A 48 1.07 5.14 1.99
C ARG A 48 1.78 5.45 0.67
N GLN A 49 2.15 6.71 0.48
CA GLN A 49 2.84 7.13 -0.73
C GLN A 49 4.08 6.29 -0.98
N ASN A 50 4.72 5.85 0.11
CA ASN A 50 5.92 5.04 0.02
C ASN A 50 5.72 3.86 -0.94
N GLY A 51 4.63 3.14 -0.74
CA GLY A 51 4.32 2.00 -1.60
C GLY A 51 3.79 2.42 -2.95
N ASP A 52 2.71 3.20 -2.94
CA ASP A 52 2.10 3.68 -4.18
C ASP A 52 3.15 4.25 -5.11
N GLN A 53 4.17 4.88 -4.54
CA GLN A 53 5.25 5.47 -5.34
C GLN A 53 6.03 4.41 -6.09
N ILE A 54 6.28 3.29 -5.42
CA ILE A 54 7.02 2.18 -6.02
C ILE A 54 6.17 1.44 -7.05
N ILE A 55 4.86 1.42 -6.81
CA ILE A 55 3.93 0.75 -7.72
C ILE A 55 4.20 1.13 -9.17
N GLN A 56 4.15 2.43 -9.45
CA GLN A 56 4.38 2.92 -10.80
C GLN A 56 5.82 2.68 -11.22
N ILE A 57 6.76 2.92 -10.31
CA ILE A 57 8.18 2.72 -10.59
C ILE A 57 8.43 1.34 -11.19
N LEU A 58 7.98 0.30 -10.48
CA LEU A 58 8.16 -1.07 -10.93
C LEU A 58 7.20 -1.39 -12.07
N ASP A 59 6.16 -0.57 -12.22
CA ASP A 59 5.17 -0.76 -13.27
C ASP A 59 5.72 -0.30 -14.61
N GLU A 60 6.54 0.75 -14.59
CA GLU A 60 7.12 1.29 -15.81
C GLU A 60 8.34 0.47 -16.24
N GLU A 61 9.10 -0.01 -15.26
CA GLU A 61 10.29 -0.81 -15.54
C GLU A 61 10.68 -1.63 -14.32
N GLY A 62 9.78 -2.51 -13.89
CA GLY A 62 10.06 -3.36 -12.74
C GLY A 62 9.26 -4.64 -12.76
N ILE A 63 9.00 -5.16 -13.95
CA ILE A 63 8.24 -6.39 -14.10
C ILE A 63 9.16 -7.59 -14.33
N ALA A 64 8.72 -8.76 -13.90
CA ALA A 64 9.50 -9.98 -14.06
C ALA A 64 9.07 -10.75 -15.30
N GLU A 65 9.83 -10.60 -16.38
CA GLU A 65 9.52 -11.29 -17.63
C GLU A 65 8.19 -10.81 -18.20
N GLY A 1 12.16 -14.56 -8.62
CA GLY A 1 13.31 -13.78 -9.07
C GLY A 1 13.12 -12.30 -8.84
N SER A 2 11.89 -11.82 -8.99
CA SER A 2 11.58 -10.41 -8.80
C SER A 2 10.10 -10.20 -8.51
N MET A 3 9.76 -9.02 -8.01
CA MET A 3 8.37 -8.71 -7.68
C MET A 3 7.56 -8.44 -8.95
N LYS A 4 6.49 -9.21 -9.13
CA LYS A 4 5.63 -9.06 -10.30
C LYS A 4 4.70 -7.86 -10.15
N LYS A 5 4.12 -7.43 -11.25
CA LYS A 5 3.20 -6.28 -11.23
C LYS A 5 2.06 -6.51 -10.25
N GLU A 6 1.75 -7.78 -10.00
CA GLU A 6 0.67 -8.14 -9.08
C GLU A 6 1.16 -8.09 -7.64
N GLU A 7 2.47 -8.21 -7.46
CA GLU A 7 3.07 -8.19 -6.13
C GLU A 7 3.36 -6.77 -5.69
N LEU A 8 3.57 -5.88 -6.66
CA LEU A 8 3.86 -4.49 -6.37
C LEU A 8 2.67 -3.82 -5.69
N ILE A 9 1.47 -4.22 -6.09
CA ILE A 9 0.25 -3.66 -5.51
C ILE A 9 -0.07 -4.30 -4.17
N ASP A 10 0.49 -5.47 -3.94
CA ASP A 10 0.26 -6.19 -2.68
C ASP A 10 1.29 -5.80 -1.63
N LYS A 11 2.57 -5.81 -2.02
CA LYS A 11 3.64 -5.45 -1.11
C LYS A 11 3.36 -4.11 -0.43
N ILE A 12 2.89 -3.14 -1.21
CA ILE A 12 2.57 -1.82 -0.68
C ILE A 12 1.56 -1.91 0.46
N LYS A 13 0.61 -2.83 0.33
CA LYS A 13 -0.41 -3.03 1.35
C LYS A 13 0.20 -3.56 2.64
N ALA A 14 1.22 -4.40 2.50
CA ALA A 14 1.89 -4.99 3.65
C ALA A 14 3.14 -4.20 4.02
N ASN A 15 3.35 -3.08 3.33
CA ASN A 15 4.51 -2.23 3.58
C ASN A 15 4.09 -0.86 4.08
N ASN A 16 2.90 -0.42 3.66
CA ASN A 16 2.38 0.88 4.06
C ASN A 16 1.77 0.81 5.46
N ARG A 17 0.92 -0.20 5.68
CA ARG A 17 0.26 -0.37 6.96
C ARG A 17 1.29 -0.64 8.07
N LEU A 18 2.53 -0.82 7.67
CA LEU A 18 3.62 -1.08 8.62
C LEU A 18 3.64 -0.02 9.72
N LEU A 19 3.10 1.16 9.41
CA LEU A 19 3.06 2.25 10.37
C LEU A 19 2.24 1.87 11.59
N ASN A 20 0.91 1.86 11.43
CA ASN A 20 0.02 1.52 12.52
C ASN A 20 0.17 2.49 13.69
N ALA A 21 -0.19 3.75 13.45
CA ALA A 21 -0.10 4.79 14.47
C ALA A 21 -1.46 5.42 14.73
N VAL A 22 -2.04 6.02 13.69
CA VAL A 22 -3.34 6.66 13.80
C VAL A 22 -4.44 5.79 13.21
N VAL A 23 -4.24 5.36 11.97
CA VAL A 23 -5.22 4.53 11.29
C VAL A 23 -4.91 3.05 11.50
N GLN A 24 -4.16 2.74 12.54
CA GLN A 24 -3.80 1.37 12.86
C GLN A 24 -5.03 0.55 13.20
N GLU A 25 -6.11 1.23 13.54
CA GLU A 25 -7.36 0.56 13.89
C GLU A 25 -8.27 0.44 12.66
N MET A 26 -8.16 1.39 11.75
CA MET A 26 -8.98 1.38 10.53
C MET A 26 -8.29 0.59 9.43
N TYR A 27 -7.06 0.95 9.12
CA TYR A 27 -6.30 0.26 8.08
C TYR A 27 -6.23 -1.24 8.35
N LEU A 28 -6.30 -1.60 9.63
CA LEU A 28 -6.25 -3.01 10.04
C LEU A 28 -7.47 -3.77 9.52
N ASP A 29 -8.49 -3.02 9.10
CA ASP A 29 -9.72 -3.62 8.59
C ASP A 29 -9.46 -4.31 7.25
N ASN A 30 -8.88 -5.52 7.31
CA ASN A 30 -8.58 -6.28 6.10
C ASN A 30 -9.88 -6.71 5.40
N SER A 31 -10.96 -6.79 6.17
CA SER A 31 -12.26 -7.19 5.62
C SER A 31 -13.06 -5.97 5.18
N LEU A 32 -12.36 -4.89 4.86
CA LEU A 32 -13.00 -3.66 4.42
C LEU A 32 -12.47 -3.21 3.06
N ASP A 33 -13.23 -2.35 2.39
CA ASP A 33 -12.82 -1.85 1.08
C ASP A 33 -11.58 -0.95 1.20
N ILE A 34 -10.54 -1.29 0.46
CA ILE A 34 -9.30 -0.52 0.48
C ILE A 34 -9.59 0.98 0.48
N LYS A 35 -10.63 1.37 -0.24
CA LYS A 35 -11.01 2.78 -0.32
C LYS A 35 -11.58 3.27 1.00
N THR A 36 -12.40 2.43 1.63
CA THR A 36 -13.02 2.77 2.91
C THR A 36 -11.98 3.26 3.91
N ARG A 37 -10.99 2.42 4.18
CA ARG A 37 -9.93 2.77 5.13
C ARG A 37 -8.99 3.81 4.52
N ASP A 38 -8.85 3.79 3.20
CA ASP A 38 -7.98 4.73 2.51
C ASP A 38 -8.35 6.17 2.86
N TYR A 39 -9.65 6.44 2.93
CA TYR A 39 -10.13 7.78 3.26
C TYR A 39 -9.49 8.29 4.54
N TYR A 40 -9.73 7.59 5.64
CA TYR A 40 -9.18 7.97 6.94
C TYR A 40 -7.66 7.84 6.93
N ALA A 41 -7.14 7.15 5.94
CA ALA A 41 -5.69 6.95 5.82
C ALA A 41 -5.03 8.12 5.10
N SER A 42 -5.59 9.32 5.28
CA SER A 42 -5.07 10.52 4.64
C SER A 42 -4.11 11.26 5.57
N ASN A 43 -4.27 11.04 6.87
CA ASN A 43 -3.42 11.69 7.86
C ASN A 43 -2.07 10.98 7.97
N ILE A 44 -2.10 9.65 7.89
CA ILE A 44 -0.88 8.86 7.98
C ILE A 44 -0.24 8.68 6.61
N THR A 45 -0.71 9.45 5.64
CA THR A 45 -0.19 9.38 4.27
C THR A 45 1.34 9.36 4.28
N SER A 46 1.94 9.97 5.30
CA SER A 46 3.39 10.02 5.42
C SER A 46 4.00 8.64 5.19
N VAL A 47 3.27 7.60 5.56
CA VAL A 47 3.74 6.23 5.39
C VAL A 47 3.06 5.56 4.20
N ARG A 48 1.93 6.12 3.78
CA ARG A 48 1.18 5.58 2.65
C ARG A 48 1.91 5.86 1.34
N GLN A 49 2.24 7.13 1.12
CA GLN A 49 2.94 7.53 -0.11
C GLN A 49 4.17 6.66 -0.34
N ASN A 50 4.76 6.17 0.74
CA ASN A 50 5.94 5.33 0.65
C ASN A 50 5.71 4.18 -0.32
N GLY A 51 4.60 3.48 -0.15
CA GLY A 51 4.28 2.36 -1.02
C GLY A 51 3.78 2.80 -2.37
N ASP A 52 2.73 3.62 -2.37
CA ASP A 52 2.15 4.12 -3.62
C ASP A 52 3.23 4.70 -4.53
N GLN A 53 4.28 5.25 -3.92
CA GLN A 53 5.37 5.85 -4.67
C GLN A 53 6.08 4.80 -5.52
N ILE A 54 6.24 3.61 -4.96
CA ILE A 54 6.90 2.52 -5.67
C ILE A 54 5.98 1.90 -6.72
N ILE A 55 4.69 1.93 -6.45
CA ILE A 55 3.70 1.39 -7.38
C ILE A 55 3.92 1.93 -8.79
N GLN A 56 3.98 3.24 -8.92
CA GLN A 56 4.20 3.87 -10.22
C GLN A 56 5.50 3.41 -10.85
N ILE A 57 6.47 3.07 -10.00
CA ILE A 57 7.77 2.60 -10.48
C ILE A 57 7.68 1.17 -10.99
N LEU A 58 7.27 0.26 -10.10
CA LEU A 58 7.14 -1.15 -10.46
C LEU A 58 6.11 -1.34 -11.58
N ASP A 59 5.18 -0.41 -11.68
CA ASP A 59 4.15 -0.46 -12.70
C ASP A 59 4.72 -0.09 -14.07
N GLU A 60 5.70 0.80 -14.07
CA GLU A 60 6.33 1.24 -15.32
C GLU A 60 7.31 0.19 -15.83
N GLU A 61 8.11 -0.37 -14.93
CA GLU A 61 9.09 -1.38 -15.30
C GLU A 61 9.44 -2.25 -14.09
N GLY A 62 8.42 -2.90 -13.52
CA GLY A 62 8.64 -3.77 -12.37
C GLY A 62 7.85 -5.06 -12.47
N ILE A 63 7.54 -5.47 -13.69
CA ILE A 63 6.78 -6.70 -13.90
C ILE A 63 7.71 -7.87 -14.22
N ALA A 64 7.28 -9.08 -13.85
CA ALA A 64 8.07 -10.28 -14.10
C ALA A 64 7.62 -10.98 -15.38
N GLU A 65 8.35 -10.73 -16.46
CA GLU A 65 8.02 -11.33 -17.74
C GLU A 65 6.66 -10.86 -18.24
N GLY A 1 13.56 -14.89 -9.11
CA GLY A 1 13.76 -13.94 -10.19
C GLY A 1 13.66 -12.50 -9.72
N SER A 2 12.45 -11.95 -9.80
CA SER A 2 12.21 -10.57 -9.38
C SER A 2 10.78 -10.39 -8.88
N MET A 3 10.47 -9.17 -8.45
CA MET A 3 9.13 -8.87 -7.94
C MET A 3 8.13 -8.77 -9.09
N LYS A 4 7.07 -9.57 -9.02
CA LYS A 4 6.04 -9.56 -10.04
C LYS A 4 5.10 -8.38 -9.88
N LYS A 5 4.52 -7.93 -10.98
CA LYS A 5 3.60 -6.80 -10.95
C LYS A 5 2.46 -7.04 -9.98
N GLU A 6 2.12 -8.31 -9.76
CA GLU A 6 1.05 -8.67 -8.84
C GLU A 6 1.53 -8.62 -7.39
N GLU A 7 2.85 -8.71 -7.21
CA GLU A 7 3.44 -8.68 -5.88
C GLU A 7 3.72 -7.25 -5.44
N LEU A 8 4.07 -6.40 -6.40
CA LEU A 8 4.37 -5.01 -6.12
C LEU A 8 3.10 -4.26 -5.68
N ILE A 9 1.98 -4.58 -6.31
CA ILE A 9 0.72 -3.95 -5.99
C ILE A 9 0.21 -4.39 -4.62
N ASP A 10 0.69 -5.55 -4.16
CA ASP A 10 0.29 -6.08 -2.87
C ASP A 10 1.27 -5.66 -1.78
N LYS A 11 2.55 -5.67 -2.12
CA LYS A 11 3.60 -5.28 -1.19
C LYS A 11 3.29 -3.94 -0.54
N ILE A 12 2.78 -3.01 -1.34
CA ILE A 12 2.43 -1.68 -0.85
C ILE A 12 1.35 -1.75 0.22
N LYS A 13 0.39 -2.66 0.03
CA LYS A 13 -0.69 -2.83 0.99
C LYS A 13 -0.16 -3.22 2.36
N ALA A 14 0.85 -4.08 2.38
CA ALA A 14 1.46 -4.54 3.62
C ALA A 14 2.55 -3.58 4.09
N ASN A 15 3.15 -2.88 3.13
CA ASN A 15 4.21 -1.92 3.44
C ASN A 15 3.63 -0.59 3.90
N ASN A 16 2.41 -0.30 3.46
CA ASN A 16 1.73 0.94 3.83
C ASN A 16 1.25 0.89 5.28
N ARG A 17 0.40 -0.08 5.58
CA ARG A 17 -0.13 -0.23 6.93
C ARG A 17 0.98 -0.58 7.92
N LEU A 18 2.18 -0.81 7.39
CA LEU A 18 3.32 -1.15 8.23
C LEU A 18 3.48 -0.14 9.37
N LEU A 19 2.98 1.07 9.16
CA LEU A 19 3.07 2.11 10.17
C LEU A 19 2.31 1.73 11.43
N ASN A 20 0.99 1.66 11.34
CA ASN A 20 0.16 1.29 12.47
C ASN A 20 0.28 2.32 13.60
N ALA A 21 -0.15 3.55 13.31
CA ALA A 21 -0.08 4.62 14.30
C ALA A 21 -1.46 5.24 14.52
N VAL A 22 -2.00 5.87 13.49
CA VAL A 22 -3.31 6.50 13.57
C VAL A 22 -4.38 5.63 12.94
N VAL A 23 -4.12 5.17 11.72
CA VAL A 23 -5.07 4.32 11.01
C VAL A 23 -4.78 2.84 11.25
N GLN A 24 -4.07 2.55 12.35
CA GLN A 24 -3.72 1.19 12.69
C GLN A 24 -4.97 0.37 13.00
N GLU A 25 -6.04 1.05 13.38
CA GLU A 25 -7.30 0.39 13.72
C GLU A 25 -8.23 0.38 12.51
N MET A 26 -8.05 1.35 11.61
CA MET A 26 -8.88 1.45 10.42
C MET A 26 -8.31 0.59 9.29
N TYR A 27 -7.05 0.85 8.93
CA TYR A 27 -6.40 0.11 7.86
C TYR A 27 -6.32 -1.38 8.20
N LEU A 28 -6.53 -1.69 9.47
CA LEU A 28 -6.48 -3.08 9.93
C LEU A 28 -7.77 -3.81 9.58
N ASP A 29 -8.81 -3.05 9.24
CA ASP A 29 -10.10 -3.62 8.87
C ASP A 29 -10.00 -4.36 7.54
N ASN A 30 -9.48 -5.58 7.57
CA ASN A 30 -9.34 -6.38 6.36
C ASN A 30 -10.70 -6.68 5.74
N SER A 31 -11.74 -6.65 6.57
CA SER A 31 -13.09 -6.92 6.10
C SER A 31 -13.82 -5.62 5.77
N LEU A 32 -13.06 -4.61 5.37
CA LEU A 32 -13.63 -3.31 5.02
C LEU A 32 -13.19 -2.88 3.62
N ASP A 33 -13.93 -1.95 3.03
CA ASP A 33 -13.61 -1.45 1.70
C ASP A 33 -12.30 -0.67 1.71
N ILE A 34 -11.36 -1.07 0.85
CA ILE A 34 -10.07 -0.41 0.76
C ILE A 34 -10.23 1.10 0.80
N LYS A 35 -11.24 1.61 0.10
CA LYS A 35 -11.50 3.05 0.06
C LYS A 35 -11.96 3.56 1.41
N THR A 36 -12.81 2.77 2.08
CA THR A 36 -13.32 3.15 3.39
C THR A 36 -12.19 3.54 4.34
N ARG A 37 -11.24 2.63 4.54
CA ARG A 37 -10.11 2.89 5.41
C ARG A 37 -9.13 3.87 4.78
N ASP A 38 -9.04 3.83 3.45
CA ASP A 38 -8.15 4.71 2.71
C ASP A 38 -8.41 6.17 3.08
N TYR A 39 -9.69 6.53 3.19
CA TYR A 39 -10.06 7.90 3.53
C TYR A 39 -9.33 8.37 4.79
N TYR A 40 -9.55 7.66 5.90
CA TYR A 40 -8.93 8.00 7.17
C TYR A 40 -7.41 7.85 7.08
N ALA A 41 -6.95 7.17 6.03
CA ALA A 41 -5.52 6.95 5.83
C ALA A 41 -4.88 8.13 5.10
N SER A 42 -5.42 9.33 5.33
CA SER A 42 -4.91 10.53 4.70
C SER A 42 -3.92 11.26 5.61
N ASN A 43 -4.01 10.98 6.91
CA ASN A 43 -3.14 11.60 7.89
C ASN A 43 -1.79 10.88 7.95
N ILE A 44 -1.83 9.56 7.83
CA ILE A 44 -0.61 8.77 7.87
C ILE A 44 0.01 8.64 6.49
N THR A 45 -0.52 9.41 5.54
CA THR A 45 -0.01 9.38 4.16
C THR A 45 1.51 9.42 4.13
N SER A 46 2.11 10.07 5.13
CA SER A 46 3.55 10.17 5.22
C SER A 46 4.22 8.81 5.00
N VAL A 47 3.54 7.75 5.44
CA VAL A 47 4.06 6.40 5.29
C VAL A 47 3.38 5.68 4.12
N ARG A 48 2.24 6.19 3.71
CA ARG A 48 1.49 5.59 2.61
C ARG A 48 2.19 5.87 1.27
N GLN A 49 2.55 7.13 1.04
CA GLN A 49 3.22 7.52 -0.19
C GLN A 49 4.45 6.66 -0.43
N ASN A 50 5.12 6.27 0.64
CA ASN A 50 6.32 5.44 0.54
C ASN A 50 6.08 4.24 -0.37
N GLY A 51 5.00 3.51 -0.11
CA GLY A 51 4.67 2.35 -0.91
C GLY A 51 4.01 2.72 -2.23
N ASP A 52 2.90 3.44 -2.14
CA ASP A 52 2.18 3.86 -3.34
C ASP A 52 3.13 4.44 -4.37
N GLN A 53 4.19 5.10 -3.91
CA GLN A 53 5.17 5.69 -4.79
C GLN A 53 5.89 4.62 -5.60
N ILE A 54 6.45 3.64 -4.91
CA ILE A 54 7.16 2.54 -5.56
C ILE A 54 6.30 1.87 -6.63
N ILE A 55 5.00 1.80 -6.37
CA ILE A 55 4.07 1.19 -7.30
C ILE A 55 4.14 1.86 -8.67
N GLN A 56 4.09 3.18 -8.69
CA GLN A 56 4.15 3.93 -9.92
C GLN A 56 5.41 3.59 -10.72
N ILE A 57 6.44 3.14 -10.00
CA ILE A 57 7.71 2.78 -10.63
C ILE A 57 7.69 1.32 -11.08
N LEU A 58 7.48 0.42 -10.12
CA LEU A 58 7.45 -1.01 -10.42
C LEU A 58 6.36 -1.32 -11.45
N ASP A 59 5.40 -0.42 -11.57
CA ASP A 59 4.30 -0.60 -12.51
C ASP A 59 4.76 -0.32 -13.94
N GLU A 60 5.68 0.63 -14.08
CA GLU A 60 6.20 0.99 -15.39
C GLU A 60 7.24 -0.02 -15.87
N GLU A 61 8.12 -0.42 -14.96
CA GLU A 61 9.17 -1.37 -15.28
C GLU A 61 9.57 -2.18 -14.04
N GLY A 62 8.60 -2.88 -13.45
CA GLY A 62 8.88 -3.68 -12.28
C GLY A 62 8.23 -5.04 -12.34
N ILE A 63 7.92 -5.49 -13.56
CA ILE A 63 7.28 -6.80 -13.75
C ILE A 63 8.31 -7.85 -14.14
N ALA A 64 8.04 -9.10 -13.78
CA ALA A 64 8.94 -10.20 -14.10
C ALA A 64 8.50 -10.91 -15.37
N GLU A 65 9.14 -10.58 -16.49
CA GLU A 65 8.81 -11.20 -17.77
C GLU A 65 7.38 -10.86 -18.18
N GLY A 1 13.54 -13.86 -7.23
CA GLY A 1 14.51 -13.10 -7.97
C GLY A 1 14.12 -11.64 -8.13
N SER A 2 13.31 -11.36 -9.14
CA SER A 2 12.86 -10.00 -9.41
C SER A 2 11.42 -9.80 -8.94
N MET A 3 11.09 -8.57 -8.56
CA MET A 3 9.74 -8.25 -8.10
C MET A 3 8.77 -8.19 -9.26
N LYS A 4 7.73 -9.03 -9.20
CA LYS A 4 6.73 -9.08 -10.25
C LYS A 4 5.76 -7.91 -10.12
N LYS A 5 5.24 -7.46 -11.26
CA LYS A 5 4.30 -6.34 -11.29
C LYS A 5 3.09 -6.63 -10.39
N GLU A 6 2.74 -7.91 -10.28
CA GLU A 6 1.61 -8.32 -9.45
C GLU A 6 2.02 -8.49 -8.00
N GLU A 7 3.34 -8.55 -7.77
CA GLU A 7 3.87 -8.72 -6.42
C GLU A 7 3.98 -7.38 -5.71
N LEU A 8 4.38 -6.35 -6.45
CA LEU A 8 4.53 -5.01 -5.89
C LEU A 8 3.17 -4.42 -5.54
N ILE A 9 2.23 -4.50 -6.49
CA ILE A 9 0.89 -3.97 -6.28
C ILE A 9 0.26 -4.56 -5.03
N ASP A 10 0.76 -5.70 -4.59
CA ASP A 10 0.24 -6.36 -3.40
C ASP A 10 1.11 -6.04 -2.18
N LYS A 11 2.42 -6.19 -2.35
CA LYS A 11 3.36 -5.93 -1.26
C LYS A 11 3.08 -4.56 -0.63
N ILE A 12 2.68 -3.61 -1.46
CA ILE A 12 2.40 -2.25 -0.99
C ILE A 12 1.37 -2.28 0.15
N LYS A 13 0.40 -3.19 0.05
CA LYS A 13 -0.63 -3.32 1.06
C LYS A 13 -0.04 -3.85 2.36
N ALA A 14 0.96 -4.71 2.26
CA ALA A 14 1.61 -5.29 3.42
C ALA A 14 2.88 -4.54 3.77
N ASN A 15 3.11 -3.42 3.09
CA ASN A 15 4.29 -2.61 3.33
C ASN A 15 3.90 -1.19 3.75
N ASN A 16 2.74 -0.75 3.32
CA ASN A 16 2.24 0.59 3.65
C ASN A 16 1.61 0.59 5.04
N ARG A 17 0.69 -0.33 5.27
CA ARG A 17 0.01 -0.42 6.56
C ARG A 17 1.00 -0.72 7.68
N LEU A 18 2.26 -0.92 7.31
CA LEU A 18 3.30 -1.22 8.27
C LEU A 18 3.31 -0.19 9.40
N LEU A 19 2.83 1.01 9.10
CA LEU A 19 2.77 2.08 10.09
C LEU A 19 1.86 1.71 11.25
N ASN A 20 0.55 1.70 10.99
CA ASN A 20 -0.43 1.35 12.02
C ASN A 20 -0.33 2.29 13.21
N ALA A 21 -0.56 3.58 12.97
CA ALA A 21 -0.50 4.59 14.01
C ALA A 21 -1.86 5.22 14.25
N VAL A 22 -2.37 5.91 13.23
CA VAL A 22 -3.67 6.57 13.33
C VAL A 22 -4.76 5.70 12.75
N VAL A 23 -4.51 5.14 11.57
CA VAL A 23 -5.49 4.28 10.90
C VAL A 23 -5.26 2.81 11.26
N GLN A 24 -4.55 2.58 12.35
CA GLN A 24 -4.25 1.23 12.80
C GLN A 24 -5.54 0.47 13.09
N GLU A 25 -6.64 1.20 13.23
CA GLU A 25 -7.94 0.59 13.50
C GLU A 25 -8.73 0.37 12.21
N MET A 26 -8.64 1.32 11.30
CA MET A 26 -9.34 1.23 10.02
C MET A 26 -8.49 0.51 8.98
N TYR A 27 -7.28 1.01 8.77
CA TYR A 27 -6.37 0.41 7.80
C TYR A 27 -6.17 -1.08 8.08
N LEU A 28 -6.23 -1.44 9.35
CA LEU A 28 -6.06 -2.83 9.77
C LEU A 28 -7.39 -3.57 9.76
N ASP A 29 -8.48 -2.81 9.72
CA ASP A 29 -9.81 -3.38 9.71
C ASP A 29 -10.08 -4.10 8.39
N ASN A 30 -9.64 -5.35 8.29
CA ASN A 30 -9.83 -6.15 7.09
C ASN A 30 -11.32 -6.35 6.79
N SER A 31 -12.15 -6.09 7.80
CA SER A 31 -13.60 -6.25 7.65
C SER A 31 -14.24 -4.92 7.27
N LEU A 32 -13.45 -4.01 6.72
CA LEU A 32 -13.94 -2.71 6.30
C LEU A 32 -13.61 -2.44 4.84
N ASP A 33 -14.36 -1.52 4.23
CA ASP A 33 -14.14 -1.17 2.83
C ASP A 33 -12.82 -0.43 2.65
N ILE A 34 -11.98 -0.95 1.76
CA ILE A 34 -10.68 -0.33 1.51
C ILE A 34 -10.79 1.19 1.41
N LYS A 35 -11.85 1.66 0.77
CA LYS A 35 -12.08 3.08 0.61
C LYS A 35 -12.41 3.73 1.96
N THR A 36 -13.22 3.05 2.76
CA THR A 36 -13.60 3.56 4.07
C THR A 36 -12.38 3.97 4.88
N ARG A 37 -11.46 3.03 5.08
CA ARG A 37 -10.24 3.30 5.84
C ARG A 37 -9.29 4.18 5.05
N ASP A 38 -9.34 4.06 3.73
CA ASP A 38 -8.48 4.84 2.85
C ASP A 38 -8.68 6.34 3.09
N TYR A 39 -9.95 6.73 3.24
CA TYR A 39 -10.28 8.14 3.47
C TYR A 39 -9.49 8.70 4.65
N TYR A 40 -9.61 8.05 5.80
CA TYR A 40 -8.91 8.50 7.00
C TYR A 40 -7.42 8.20 6.89
N ALA A 41 -7.03 7.50 5.84
CA ALA A 41 -5.63 7.15 5.61
C ALA A 41 -4.90 8.28 4.89
N SER A 42 -5.33 9.51 5.14
CA SER A 42 -4.72 10.68 4.51
C SER A 42 -3.63 11.26 5.39
N ASN A 43 -3.80 11.12 6.71
CA ASN A 43 -2.83 11.65 7.67
C ASN A 43 -1.57 10.80 7.67
N ILE A 44 -1.75 9.48 7.67
CA ILE A 44 -0.61 8.56 7.68
C ILE A 44 -0.08 8.33 6.26
N THR A 45 -0.58 9.13 5.32
CA THR A 45 -0.15 9.02 3.93
C THR A 45 1.36 8.88 3.83
N SER A 46 2.07 9.46 4.79
CA SER A 46 3.53 9.40 4.81
C SER A 46 4.02 7.98 4.59
N VAL A 47 3.19 7.00 4.96
CA VAL A 47 3.53 5.60 4.81
C VAL A 47 2.86 4.99 3.58
N ARG A 48 1.70 5.54 3.22
CA ARG A 48 0.95 5.05 2.07
C ARG A 48 1.69 5.40 0.77
N GLN A 49 2.06 6.67 0.64
CA GLN A 49 2.76 7.12 -0.56
C GLN A 49 4.01 6.28 -0.82
N ASN A 50 4.62 5.79 0.25
CA ASN A 50 5.82 4.97 0.14
C ASN A 50 5.58 3.77 -0.77
N GLY A 51 4.38 3.21 -0.69
CA GLY A 51 4.04 2.06 -1.51
C GLY A 51 3.61 2.46 -2.91
N ASP A 52 2.54 3.25 -3.00
CA ASP A 52 2.03 3.70 -4.29
C ASP A 52 3.15 4.29 -5.14
N GLN A 53 4.15 4.87 -4.48
CA GLN A 53 5.28 5.47 -5.19
C GLN A 53 6.07 4.41 -5.94
N ILE A 54 6.21 3.24 -5.34
CA ILE A 54 6.95 2.15 -5.96
C ILE A 54 6.08 1.40 -6.97
N ILE A 55 4.78 1.33 -6.69
CA ILE A 55 3.85 0.65 -7.58
C ILE A 55 4.03 1.10 -9.02
N GLN A 56 4.04 2.41 -9.23
CA GLN A 56 4.21 2.97 -10.57
C GLN A 56 5.60 2.64 -11.12
N ILE A 57 6.59 2.60 -10.24
CA ILE A 57 7.95 2.29 -10.64
C ILE A 57 8.06 0.87 -11.17
N LEU A 58 7.57 -0.09 -10.39
CA LEU A 58 7.61 -1.50 -10.78
C LEU A 58 6.62 -1.77 -11.91
N ASP A 59 5.50 -1.06 -11.90
CA ASP A 59 4.49 -1.23 -12.93
C ASP A 59 4.93 -0.61 -14.25
N GLU A 60 5.81 0.39 -14.16
CA GLU A 60 6.31 1.07 -15.36
C GLU A 60 7.35 0.21 -16.06
N GLU A 61 8.34 -0.26 -15.31
CA GLU A 61 9.40 -1.09 -15.87
C GLU A 61 10.04 -1.96 -14.80
N GLY A 62 9.22 -2.71 -14.07
CA GLY A 62 9.71 -3.56 -13.02
C GLY A 62 8.98 -4.89 -12.94
N ILE A 63 8.58 -5.40 -14.11
CA ILE A 63 7.86 -6.67 -14.17
C ILE A 63 8.82 -7.82 -14.49
N ALA A 64 8.46 -9.01 -14.01
CA ALA A 64 9.29 -10.19 -14.24
C ALA A 64 8.80 -10.97 -15.46
N GLU A 65 9.45 -10.76 -16.59
CA GLU A 65 9.08 -11.44 -17.83
C GLU A 65 10.33 -11.96 -18.56
N GLY A 1 13.66 -13.29 -5.72
CA GLY A 1 13.69 -12.83 -7.10
C GLY A 1 13.07 -11.47 -7.27
N SER A 2 12.78 -11.10 -8.52
CA SER A 2 12.18 -9.81 -8.81
C SER A 2 10.67 -9.84 -8.62
N MET A 3 10.15 -8.82 -7.93
CA MET A 3 8.72 -8.74 -7.68
C MET A 3 7.96 -8.35 -8.94
N LYS A 4 6.89 -9.09 -9.23
CA LYS A 4 6.07 -8.82 -10.41
C LYS A 4 5.17 -7.61 -10.18
N LYS A 5 4.63 -7.07 -11.27
CA LYS A 5 3.74 -5.92 -11.18
C LYS A 5 2.57 -6.19 -10.25
N GLU A 6 2.05 -7.42 -10.30
CA GLU A 6 0.93 -7.81 -9.44
C GLU A 6 1.39 -8.04 -8.01
N GLU A 7 2.71 -8.11 -7.82
CA GLU A 7 3.28 -8.33 -6.49
C GLU A 7 3.44 -7.01 -5.74
N LEU A 8 3.92 -5.99 -6.45
CA LEU A 8 4.12 -4.68 -5.84
C LEU A 8 2.79 -4.05 -5.46
N ILE A 9 1.86 -4.01 -6.42
CA ILE A 9 0.54 -3.44 -6.18
C ILE A 9 -0.09 -4.00 -4.91
N ASP A 10 0.34 -5.21 -4.53
CA ASP A 10 -0.17 -5.86 -3.34
C ASP A 10 0.75 -5.63 -2.15
N LYS A 11 2.05 -5.72 -2.39
CA LYS A 11 3.04 -5.52 -1.34
C LYS A 11 2.84 -4.17 -0.66
N ILE A 12 2.47 -3.16 -1.43
CA ILE A 12 2.24 -1.83 -0.91
C ILE A 12 1.25 -1.85 0.25
N LYS A 13 0.25 -2.72 0.14
CA LYS A 13 -0.77 -2.84 1.17
C LYS A 13 -0.18 -3.41 2.45
N ALA A 14 0.76 -4.34 2.30
CA ALA A 14 1.41 -4.96 3.45
C ALA A 14 2.73 -4.26 3.78
N ASN A 15 2.99 -3.16 3.09
CA ASN A 15 4.22 -2.40 3.31
C ASN A 15 3.91 -1.00 3.81
N ASN A 16 2.74 -0.48 3.43
CA ASN A 16 2.32 0.85 3.84
C ASN A 16 1.73 0.83 5.24
N ARG A 17 0.88 -0.15 5.50
CA ARG A 17 0.24 -0.29 6.81
C ARG A 17 1.28 -0.55 7.89
N LEU A 18 2.53 -0.72 7.48
CA LEU A 18 3.62 -0.98 8.42
C LEU A 18 3.66 0.08 9.51
N LEU A 19 3.09 1.26 9.21
CA LEU A 19 3.06 2.35 10.17
C LEU A 19 2.28 1.96 11.42
N ASN A 20 0.98 1.82 11.29
CA ASN A 20 0.13 1.43 12.42
C ASN A 20 0.23 2.45 13.54
N ALA A 21 -0.18 3.68 13.26
CA ALA A 21 -0.14 4.75 14.26
C ALA A 21 -1.53 5.35 14.49
N VAL A 22 -2.09 5.95 13.45
CA VAL A 22 -3.41 6.56 13.54
C VAL A 22 -4.46 5.67 12.91
N VAL A 23 -4.20 5.21 11.69
CA VAL A 23 -5.12 4.34 10.97
C VAL A 23 -4.82 2.87 11.25
N GLN A 24 -4.10 2.60 12.32
CA GLN A 24 -3.73 1.24 12.69
C GLN A 24 -4.98 0.41 13.00
N GLU A 25 -6.07 1.10 13.34
CA GLU A 25 -7.32 0.43 13.67
C GLU A 25 -8.23 0.34 12.44
N MET A 26 -8.08 1.30 11.54
CA MET A 26 -8.87 1.33 10.32
C MET A 26 -8.24 0.48 9.22
N TYR A 27 -7.00 0.80 8.89
CA TYR A 27 -6.27 0.07 7.85
C TYR A 27 -6.16 -1.41 8.22
N LEU A 28 -6.40 -1.72 9.48
CA LEU A 28 -6.31 -3.10 9.96
C LEU A 28 -7.58 -3.87 9.61
N ASP A 29 -8.63 -3.14 9.26
CA ASP A 29 -9.90 -3.76 8.89
C ASP A 29 -9.79 -4.51 7.56
N ASN A 30 -9.22 -5.71 7.60
CA ASN A 30 -9.05 -6.51 6.40
C ASN A 30 -10.40 -6.85 5.77
N SER A 31 -11.44 -6.83 6.59
CA SER A 31 -12.78 -7.13 6.11
C SER A 31 -13.53 -5.86 5.73
N LEU A 32 -12.78 -4.84 5.35
CA LEU A 32 -13.37 -3.55 4.97
C LEU A 32 -12.89 -3.14 3.58
N ASP A 33 -13.62 -2.23 2.96
CA ASP A 33 -13.28 -1.74 1.63
C ASP A 33 -11.98 -0.92 1.68
N ILE A 34 -11.02 -1.31 0.87
CA ILE A 34 -9.73 -0.62 0.81
C ILE A 34 -9.93 0.90 0.83
N LYS A 35 -10.95 1.37 0.12
CA LYS A 35 -11.25 2.79 0.05
C LYS A 35 -11.74 3.30 1.40
N THR A 36 -12.57 2.52 2.06
CA THR A 36 -13.11 2.89 3.37
C THR A 36 -11.99 3.32 4.32
N ARG A 37 -11.04 2.42 4.54
CA ARG A 37 -9.92 2.70 5.43
C ARG A 37 -8.94 3.70 4.79
N ASP A 38 -8.86 3.65 3.46
CA ASP A 38 -7.96 4.56 2.73
C ASP A 38 -8.32 6.01 3.01
N TYR A 39 -9.61 6.30 3.10
CA TYR A 39 -10.07 7.65 3.37
C TYR A 39 -9.37 8.24 4.59
N TYR A 40 -9.52 7.56 5.72
CA TYR A 40 -8.91 8.01 6.96
C TYR A 40 -7.39 7.85 6.91
N ALA A 41 -6.91 7.18 5.88
CA ALA A 41 -5.49 6.94 5.71
C ALA A 41 -4.81 8.12 5.02
N SER A 42 -5.33 9.33 5.26
CA SER A 42 -4.78 10.53 4.66
C SER A 42 -3.76 11.19 5.58
N ASN A 43 -3.97 11.03 6.88
CA ASN A 43 -3.07 11.61 7.88
C ASN A 43 -1.73 10.87 7.89
N ILE A 44 -1.79 9.55 7.86
CA ILE A 44 -0.59 8.72 7.87
C ILE A 44 -0.01 8.57 6.47
N THR A 45 -0.53 9.37 5.54
CA THR A 45 -0.06 9.32 4.16
C THR A 45 1.46 9.29 4.09
N SER A 46 2.10 9.87 5.10
CA SER A 46 3.56 9.91 5.15
C SER A 46 4.16 8.52 4.90
N VAL A 47 3.37 7.49 5.22
CA VAL A 47 3.81 6.11 5.05
C VAL A 47 3.13 5.47 3.84
N ARG A 48 2.00 6.04 3.43
CA ARG A 48 1.26 5.52 2.29
C ARG A 48 1.98 5.83 0.99
N GLN A 49 2.35 7.08 0.79
CA GLN A 49 3.05 7.50 -0.42
C GLN A 49 4.25 6.61 -0.70
N ASN A 50 4.84 6.08 0.38
CA ASN A 50 6.01 5.20 0.25
C ASN A 50 5.71 4.04 -0.70
N GLY A 51 4.59 3.37 -0.48
CA GLY A 51 4.21 2.26 -1.33
C GLY A 51 3.70 2.70 -2.68
N ASP A 52 2.67 3.54 -2.68
CA ASP A 52 2.10 4.05 -3.92
C ASP A 52 3.18 4.59 -4.85
N GLN A 53 4.25 5.10 -4.26
CA GLN A 53 5.36 5.65 -5.02
C GLN A 53 6.02 4.58 -5.89
N ILE A 54 6.22 3.41 -5.31
CA ILE A 54 6.84 2.31 -6.03
C ILE A 54 5.90 1.75 -7.10
N ILE A 55 4.60 1.79 -6.81
CA ILE A 55 3.59 1.29 -7.73
C ILE A 55 3.78 1.88 -9.12
N GLN A 56 4.32 3.09 -9.18
CA GLN A 56 4.56 3.78 -10.45
C GLN A 56 5.89 3.33 -11.06
N ILE A 57 6.85 3.03 -10.20
CA ILE A 57 8.17 2.58 -10.66
C ILE A 57 8.13 1.13 -11.13
N LEU A 58 7.74 0.24 -10.23
CA LEU A 58 7.66 -1.18 -10.55
C LEU A 58 6.73 -1.41 -11.74
N ASP A 59 5.79 -0.51 -11.93
CA ASP A 59 4.84 -0.61 -13.04
C ASP A 59 5.50 -0.24 -14.36
N GLU A 60 6.46 0.66 -14.30
CA GLU A 60 7.17 1.12 -15.49
C GLU A 60 8.19 0.07 -15.94
N GLU A 61 8.99 -0.42 -14.99
CA GLU A 61 10.01 -1.41 -15.28
C GLU A 61 10.27 -2.29 -14.06
N GLY A 62 9.22 -2.95 -13.58
CA GLY A 62 9.35 -3.82 -12.43
C GLY A 62 8.45 -5.04 -12.51
N ILE A 63 8.11 -5.45 -13.72
CA ILE A 63 7.25 -6.60 -13.93
C ILE A 63 8.07 -7.85 -14.25
N ALA A 64 7.55 -9.01 -13.87
CA ALA A 64 8.22 -10.27 -14.12
C ALA A 64 7.70 -10.93 -15.38
N GLU A 65 8.41 -10.75 -16.49
CA GLU A 65 8.02 -11.34 -17.77
C GLU A 65 6.71 -10.72 -18.25
N GLY A 1 15.16 -14.24 -8.81
CA GLY A 1 14.59 -13.39 -9.84
C GLY A 1 14.41 -11.96 -9.38
N SER A 2 13.36 -11.31 -9.88
CA SER A 2 13.08 -9.93 -9.52
C SER A 2 11.61 -9.75 -9.13
N MET A 3 11.28 -8.59 -8.58
CA MET A 3 9.91 -8.30 -8.17
C MET A 3 9.02 -8.02 -9.38
N LYS A 4 7.99 -8.84 -9.55
CA LYS A 4 7.06 -8.69 -10.66
C LYS A 4 6.08 -7.54 -10.40
N LYS A 5 5.57 -6.95 -11.48
CA LYS A 5 4.62 -5.85 -11.36
C LYS A 5 3.41 -6.26 -10.53
N GLU A 6 3.07 -7.54 -10.58
CA GLU A 6 1.93 -8.06 -9.83
C GLU A 6 2.30 -8.25 -8.35
N GLU A 7 3.60 -8.30 -8.07
CA GLU A 7 4.07 -8.49 -6.71
C GLU A 7 4.13 -7.16 -5.97
N LEU A 8 4.56 -6.11 -6.66
CA LEU A 8 4.66 -4.78 -6.07
C LEU A 8 3.27 -4.21 -5.77
N ILE A 9 2.39 -4.26 -6.76
CA ILE A 9 1.03 -3.76 -6.60
C ILE A 9 0.37 -4.36 -5.37
N ASP A 10 0.84 -5.53 -4.96
CA ASP A 10 0.30 -6.21 -3.79
C ASP A 10 1.14 -5.91 -2.55
N LYS A 11 2.45 -5.94 -2.70
CA LYS A 11 3.36 -5.67 -1.60
C LYS A 11 3.04 -4.33 -0.94
N ILE A 12 2.63 -3.36 -1.75
CA ILE A 12 2.30 -2.04 -1.24
C ILE A 12 1.21 -2.12 -0.18
N LYS A 13 0.25 -3.02 -0.37
CA LYS A 13 -0.83 -3.21 0.57
C LYS A 13 -0.31 -3.74 1.91
N ALA A 14 0.66 -4.63 1.85
CA ALA A 14 1.25 -5.20 3.05
C ALA A 14 2.46 -4.40 3.51
N ASN A 15 2.73 -3.30 2.83
CA ASN A 15 3.86 -2.43 3.16
C ASN A 15 3.38 -1.05 3.60
N ASN A 16 2.18 -0.68 3.16
CA ASN A 16 1.61 0.61 3.50
C ASN A 16 1.06 0.62 4.93
N ARG A 17 0.17 -0.34 5.22
CA ARG A 17 -0.41 -0.45 6.54
C ARG A 17 0.64 -0.81 7.58
N LEU A 18 1.86 -1.06 7.11
CA LEU A 18 2.96 -1.42 8.00
C LEU A 18 3.09 -0.42 9.15
N LEU A 19 2.68 0.82 8.90
CA LEU A 19 2.74 1.87 9.90
C LEU A 19 1.87 1.53 11.10
N ASN A 20 0.56 1.55 10.90
CA ASN A 20 -0.39 1.25 11.97
C ASN A 20 -0.22 2.21 13.13
N ALA A 21 -0.45 3.50 12.87
CA ALA A 21 -0.33 4.52 13.90
C ALA A 21 -1.67 5.18 14.18
N VAL A 22 -2.22 5.85 13.17
CA VAL A 22 -3.50 6.52 13.31
C VAL A 22 -4.65 5.66 12.78
N VAL A 23 -4.45 5.09 11.61
CA VAL A 23 -5.46 4.24 10.99
C VAL A 23 -5.22 2.77 11.34
N GLN A 24 -4.46 2.54 12.41
CA GLN A 24 -4.17 1.18 12.85
C GLN A 24 -5.45 0.42 13.18
N GLU A 25 -6.53 1.16 13.38
CA GLU A 25 -7.82 0.56 13.71
C GLU A 25 -8.68 0.40 12.45
N MET A 26 -8.58 1.37 11.55
CA MET A 26 -9.35 1.34 10.31
C MET A 26 -8.59 0.58 9.22
N TYR A 27 -7.37 1.03 8.94
CA TYR A 27 -6.54 0.39 7.92
C TYR A 27 -6.40 -1.10 8.19
N LEU A 28 -6.43 -1.47 9.46
CA LEU A 28 -6.31 -2.87 9.86
C LEU A 28 -7.67 -3.54 9.95
N ASP A 29 -8.73 -2.73 9.95
CA ASP A 29 -10.09 -3.25 10.02
C ASP A 29 -10.47 -3.97 8.74
N ASN A 30 -10.10 -5.25 8.66
CA ASN A 30 -10.40 -6.07 7.48
C ASN A 30 -11.91 -6.18 7.28
N SER A 31 -12.66 -5.88 8.33
CA SER A 31 -14.13 -5.96 8.26
C SER A 31 -14.72 -4.60 7.90
N LEU A 32 -13.92 -3.76 7.26
CA LEU A 32 -14.37 -2.43 6.86
C LEU A 32 -14.15 -2.20 5.37
N ASP A 33 -14.87 -1.25 4.81
CA ASP A 33 -14.75 -0.93 3.38
C ASP A 33 -13.39 -0.31 3.08
N ILE A 34 -12.67 -0.92 2.15
CA ILE A 34 -11.36 -0.44 1.76
C ILE A 34 -11.35 1.09 1.64
N LYS A 35 -12.39 1.63 1.03
CA LYS A 35 -12.51 3.07 0.84
C LYS A 35 -12.75 3.77 2.18
N THR A 36 -13.59 3.16 3.02
CA THR A 36 -13.90 3.73 4.32
C THR A 36 -12.63 4.08 5.09
N ARG A 37 -11.78 3.09 5.30
CA ARG A 37 -10.53 3.29 6.02
C ARG A 37 -9.57 4.14 5.21
N ASP A 38 -9.64 4.02 3.89
CA ASP A 38 -8.77 4.77 2.99
C ASP A 38 -8.93 6.27 3.23
N TYR A 39 -10.17 6.71 3.41
CA TYR A 39 -10.46 8.13 3.64
C TYR A 39 -9.64 8.66 4.82
N TYR A 40 -9.76 8.00 5.96
CA TYR A 40 -9.04 8.41 7.16
C TYR A 40 -7.55 8.13 7.01
N ALA A 41 -7.18 7.44 5.94
CA ALA A 41 -5.78 7.11 5.68
C ALA A 41 -5.08 8.25 4.93
N SER A 42 -5.53 9.47 5.17
CA SER A 42 -4.95 10.64 4.52
C SER A 42 -3.85 11.24 5.39
N ASN A 43 -3.96 11.05 6.70
CA ASN A 43 -2.97 11.58 7.63
C ASN A 43 -1.69 10.76 7.59
N ILE A 44 -1.84 9.44 7.60
CA ILE A 44 -0.69 8.54 7.55
C ILE A 44 -0.20 8.33 6.12
N THR A 45 -0.77 9.10 5.20
CA THR A 45 -0.39 9.01 3.79
C THR A 45 1.13 9.05 3.63
N SER A 46 1.81 9.68 4.58
CA SER A 46 3.26 9.80 4.54
C SER A 46 3.91 8.43 4.43
N VAL A 47 3.23 7.41 4.97
CA VAL A 47 3.75 6.05 4.94
C VAL A 47 3.13 5.26 3.79
N ARG A 48 1.95 5.69 3.36
CA ARG A 48 1.24 5.01 2.28
C ARG A 48 1.92 5.28 0.94
N GLN A 49 2.21 6.56 0.67
CA GLN A 49 2.86 6.96 -0.57
C GLN A 49 4.17 6.18 -0.78
N ASN A 50 4.82 5.84 0.32
CA ASN A 50 6.08 5.10 0.27
C ASN A 50 5.96 3.88 -0.62
N GLY A 51 4.91 3.09 -0.39
CA GLY A 51 4.70 1.89 -1.18
C GLY A 51 4.07 2.20 -2.53
N ASP A 52 2.96 2.92 -2.52
CA ASP A 52 2.27 3.28 -3.76
C ASP A 52 3.23 3.93 -4.75
N GLN A 53 4.24 4.61 -4.23
CA GLN A 53 5.23 5.27 -5.07
C GLN A 53 6.04 4.25 -5.86
N ILE A 54 6.24 3.08 -5.28
CA ILE A 54 7.00 2.02 -5.93
C ILE A 54 6.20 1.40 -7.08
N ILE A 55 4.89 1.40 -6.94
CA ILE A 55 4.02 0.84 -7.97
C ILE A 55 4.33 1.43 -9.33
N GLN A 56 4.40 2.75 -9.39
CA GLN A 56 4.70 3.44 -10.64
C GLN A 56 6.12 3.14 -11.11
N ILE A 57 6.94 2.63 -10.21
CA ILE A 57 8.32 2.29 -10.53
C ILE A 57 8.43 0.87 -11.08
N LEU A 58 7.72 -0.06 -10.44
CA LEU A 58 7.73 -1.46 -10.86
C LEU A 58 6.80 -1.67 -12.04
N ASP A 59 5.72 -0.89 -12.09
CA ASP A 59 4.74 -1.00 -13.17
C ASP A 59 5.28 -0.38 -14.45
N GLU A 60 6.17 0.59 -14.30
CA GLU A 60 6.76 1.28 -15.44
C GLU A 60 7.81 0.39 -16.12
N GLU A 61 8.74 -0.13 -15.33
CA GLU A 61 9.79 -0.99 -15.85
C GLU A 61 10.34 -1.91 -14.76
N GLY A 62 9.45 -2.63 -14.10
CA GLY A 62 9.85 -3.53 -13.04
C GLY A 62 9.04 -4.81 -13.03
N ILE A 63 8.70 -5.31 -14.21
CA ILE A 63 7.92 -6.54 -14.33
C ILE A 63 8.84 -7.75 -14.52
N ALA A 64 8.39 -8.90 -14.03
CA ALA A 64 9.16 -10.13 -14.15
C ALA A 64 8.67 -10.97 -15.33
N GLU A 65 9.37 -10.84 -16.46
CA GLU A 65 9.01 -11.59 -17.67
C GLU A 65 7.66 -11.14 -18.20
N GLY A 1 11.74 -13.93 -4.95
CA GLY A 1 12.45 -13.49 -6.13
C GLY A 1 12.11 -12.06 -6.51
N SER A 2 11.99 -11.81 -7.82
CA SER A 2 11.67 -10.48 -8.31
C SER A 2 10.20 -10.15 -8.08
N MET A 3 9.90 -8.88 -7.88
CA MET A 3 8.54 -8.43 -7.64
C MET A 3 7.74 -8.43 -8.95
N LYS A 4 6.70 -9.26 -8.99
CA LYS A 4 5.84 -9.36 -10.16
C LYS A 4 4.86 -8.20 -10.23
N LYS A 5 4.22 -8.03 -11.39
CA LYS A 5 3.26 -6.95 -11.58
C LYS A 5 2.16 -7.01 -10.52
N GLU A 6 1.90 -8.21 -10.00
CA GLU A 6 0.88 -8.40 -8.98
C GLU A 6 1.47 -8.22 -7.58
N GLU A 7 2.80 -8.26 -7.49
CA GLU A 7 3.49 -8.12 -6.22
C GLU A 7 3.65 -6.64 -5.86
N LEU A 8 3.74 -5.79 -6.88
CA LEU A 8 3.89 -4.36 -6.67
C LEU A 8 2.67 -3.78 -5.97
N ILE A 9 1.49 -4.31 -6.29
CA ILE A 9 0.26 -3.84 -5.68
C ILE A 9 -0.03 -4.58 -4.37
N ASP A 10 0.62 -5.73 -4.20
CA ASP A 10 0.43 -6.52 -2.98
C ASP A 10 1.39 -6.06 -1.89
N LYS A 11 2.68 -6.04 -2.20
CA LYS A 11 3.69 -5.62 -1.24
C LYS A 11 3.31 -4.29 -0.60
N ILE A 12 2.87 -3.34 -1.43
CA ILE A 12 2.48 -2.03 -0.95
C ILE A 12 1.44 -2.14 0.16
N LYS A 13 0.50 -3.06 0.01
CA LYS A 13 -0.54 -3.27 0.99
C LYS A 13 0.05 -3.76 2.31
N ALA A 14 1.01 -4.67 2.22
CA ALA A 14 1.66 -5.23 3.40
C ALA A 14 2.84 -4.37 3.83
N ASN A 15 3.03 -3.23 3.16
CA ASN A 15 4.12 -2.32 3.47
C ASN A 15 3.58 -0.97 3.93
N ASN A 16 2.37 -0.64 3.49
CA ASN A 16 1.74 0.63 3.85
C ASN A 16 1.26 0.61 5.30
N ARG A 17 0.39 -0.34 5.61
CA ARG A 17 -0.16 -0.47 6.96
C ARG A 17 0.94 -0.85 7.95
N LEU A 18 2.14 -1.11 7.43
CA LEU A 18 3.27 -1.49 8.26
C LEU A 18 3.47 -0.48 9.39
N LEU A 19 3.02 0.74 9.16
CA LEU A 19 3.15 1.80 10.17
C LEU A 19 2.37 1.45 11.44
N ASN A 20 1.05 1.47 11.34
CA ASN A 20 0.19 1.16 12.48
C ASN A 20 0.36 2.18 13.60
N ALA A 21 0.01 3.43 13.30
CA ALA A 21 0.13 4.51 14.28
C ALA A 21 -1.22 5.18 14.51
N VAL A 22 -1.74 5.82 13.48
CA VAL A 22 -3.03 6.50 13.57
C VAL A 22 -4.14 5.67 12.94
N VAL A 23 -3.90 5.20 11.72
CA VAL A 23 -4.88 4.39 11.01
C VAL A 23 -4.66 2.91 11.27
N GLN A 24 -3.96 2.60 12.35
CA GLN A 24 -3.67 1.22 12.72
C GLN A 24 -4.96 0.46 13.05
N GLU A 25 -6.00 1.21 13.42
CA GLU A 25 -7.28 0.61 13.76
C GLU A 25 -8.22 0.61 12.56
N MET A 26 -8.00 1.56 11.65
CA MET A 26 -8.83 1.66 10.44
C MET A 26 -8.30 0.76 9.34
N TYR A 27 -7.03 0.96 8.98
CA TYR A 27 -6.40 0.16 7.93
C TYR A 27 -6.39 -1.32 8.30
N LEU A 28 -6.62 -1.60 9.58
CA LEU A 28 -6.63 -2.98 10.07
C LEU A 28 -7.95 -3.66 9.73
N ASP A 29 -8.96 -2.86 9.36
CA ASP A 29 -10.27 -3.39 9.01
C ASP A 29 -10.21 -4.16 7.70
N ASN A 30 -9.73 -5.40 7.76
CA ASN A 30 -9.61 -6.24 6.57
C ASN A 30 -10.99 -6.49 5.96
N SER A 31 -12.03 -6.40 6.78
CA SER A 31 -13.40 -6.62 6.32
C SER A 31 -14.05 -5.31 5.93
N LEU A 32 -13.24 -4.34 5.52
CA LEU A 32 -13.75 -3.04 5.12
C LEU A 32 -13.27 -2.67 3.72
N ASP A 33 -13.95 -1.73 3.08
CA ASP A 33 -13.60 -1.29 1.73
C ASP A 33 -12.27 -0.54 1.75
N ILE A 34 -11.33 -1.00 0.93
CA ILE A 34 -10.02 -0.37 0.85
C ILE A 34 -10.13 1.15 0.83
N LYS A 35 -11.12 1.66 0.12
CA LYS A 35 -11.35 3.09 0.02
C LYS A 35 -11.80 3.66 1.36
N THR A 36 -12.67 2.92 2.06
CA THR A 36 -13.17 3.35 3.35
C THR A 36 -12.03 3.72 4.29
N ARG A 37 -11.12 2.77 4.50
CA ARG A 37 -9.98 3.00 5.38
C ARG A 37 -8.96 3.92 4.72
N ASP A 38 -8.86 3.85 3.41
CA ASP A 38 -7.93 4.68 2.65
C ASP A 38 -8.15 6.15 2.97
N TYR A 39 -9.41 6.57 3.06
CA TYR A 39 -9.74 7.95 3.36
C TYR A 39 -9.01 8.43 4.62
N TYR A 40 -9.25 7.74 5.72
CA TYR A 40 -8.63 8.10 6.99
C TYR A 40 -7.12 7.88 6.94
N ALA A 41 -6.67 7.16 5.90
CA ALA A 41 -5.24 6.89 5.73
C ALA A 41 -4.55 8.04 5.00
N SER A 42 -5.03 9.25 5.21
CA SER A 42 -4.46 10.43 4.58
C SER A 42 -3.42 11.08 5.48
N ASN A 43 -3.61 10.95 6.79
CA ASN A 43 -2.69 11.53 7.76
C ASN A 43 -1.39 10.75 7.79
N ILE A 44 -1.48 9.43 7.79
CA ILE A 44 -0.30 8.58 7.82
C ILE A 44 0.27 8.37 6.41
N THR A 45 -0.28 9.11 5.45
CA THR A 45 0.16 9.02 4.07
C THR A 45 1.68 9.07 3.97
N SER A 46 2.31 9.72 4.96
CA SER A 46 3.76 9.85 4.98
C SER A 46 4.43 8.50 4.83
N VAL A 47 3.78 7.46 5.34
CA VAL A 47 4.31 6.10 5.26
C VAL A 47 3.63 5.31 4.15
N ARG A 48 2.39 5.68 3.83
CA ARG A 48 1.63 5.00 2.79
C ARG A 48 2.22 5.29 1.41
N GLN A 49 2.61 6.54 1.19
CA GLN A 49 3.20 6.95 -0.08
C GLN A 49 4.41 6.09 -0.43
N ASN A 50 5.16 5.70 0.60
CA ASN A 50 6.35 4.88 0.40
C ASN A 50 6.03 3.65 -0.46
N GLY A 51 4.91 3.00 -0.15
CA GLY A 51 4.51 1.82 -0.91
C GLY A 51 3.82 2.18 -2.21
N ASP A 52 2.75 2.96 -2.11
CA ASP A 52 1.98 3.37 -3.28
C ASP A 52 2.91 3.94 -4.35
N GLN A 53 4.02 4.52 -3.91
CA GLN A 53 4.99 5.11 -4.83
C GLN A 53 5.58 4.04 -5.76
N ILE A 54 5.79 2.85 -5.21
CA ILE A 54 6.35 1.76 -5.98
C ILE A 54 5.33 1.20 -6.97
N ILE A 55 4.06 1.30 -6.62
CA ILE A 55 2.98 0.81 -7.48
C ILE A 55 3.12 1.36 -8.90
N GLN A 56 3.60 2.59 -9.01
CA GLN A 56 3.78 3.23 -10.30
C GLN A 56 5.14 2.88 -10.89
N ILE A 57 6.09 2.52 -10.04
CA ILE A 57 7.43 2.15 -10.48
C ILE A 57 7.40 0.89 -11.33
N LEU A 58 6.89 -0.19 -10.75
CA LEU A 58 6.81 -1.46 -11.46
C LEU A 58 5.92 -1.34 -12.69
N ASP A 59 4.90 -0.49 -12.60
CA ASP A 59 3.97 -0.28 -13.70
C ASP A 59 4.63 0.54 -14.81
N GLU A 60 5.46 1.49 -14.41
CA GLU A 60 6.15 2.35 -15.38
C GLU A 60 7.32 1.62 -16.02
N GLU A 61 8.24 1.12 -15.19
CA GLU A 61 9.40 0.41 -15.68
C GLU A 61 9.01 -0.97 -16.21
N GLY A 62 8.02 -1.59 -15.56
CA GLY A 62 7.57 -2.90 -15.97
C GLY A 62 7.75 -3.95 -14.89
N ILE A 63 7.52 -5.20 -15.24
CA ILE A 63 7.66 -6.30 -14.29
C ILE A 63 9.10 -6.77 -14.21
N ALA A 64 9.47 -7.34 -13.06
CA ALA A 64 10.83 -7.84 -12.86
C ALA A 64 10.95 -9.30 -13.31
N GLU A 65 11.44 -9.49 -14.53
CA GLU A 65 11.60 -10.84 -15.08
C GLU A 65 12.95 -10.98 -15.78
N GLY A 1 12.04 -15.01 -6.46
CA GLY A 1 12.36 -14.13 -7.57
C GLY A 1 12.07 -12.67 -7.28
N SER A 2 12.21 -11.82 -8.28
CA SER A 2 11.96 -10.40 -8.12
C SER A 2 10.48 -10.13 -7.86
N MET A 3 10.14 -8.87 -7.66
CA MET A 3 8.75 -8.48 -7.41
C MET A 3 7.92 -8.54 -8.69
N LYS A 4 6.82 -9.28 -8.64
CA LYS A 4 5.95 -9.42 -9.80
C LYS A 4 5.02 -8.21 -9.92
N LYS A 5 4.64 -7.89 -11.16
CA LYS A 5 3.76 -6.76 -11.42
C LYS A 5 2.49 -6.86 -10.59
N GLU A 6 2.08 -8.09 -10.27
CA GLU A 6 0.88 -8.32 -9.49
C GLU A 6 1.20 -8.27 -7.99
N GLU A 7 2.45 -8.52 -7.65
CA GLU A 7 2.88 -8.50 -6.25
C GLU A 7 3.23 -7.08 -5.81
N LEU A 8 3.56 -6.22 -6.78
CA LEU A 8 3.91 -4.84 -6.49
C LEU A 8 2.71 -4.07 -5.94
N ILE A 9 1.53 -4.35 -6.48
CA ILE A 9 0.32 -3.68 -6.04
C ILE A 9 -0.12 -4.20 -4.67
N ASP A 10 0.35 -5.38 -4.31
CA ASP A 10 0.00 -5.99 -3.03
C ASP A 10 1.02 -5.61 -1.96
N LYS A 11 2.31 -5.68 -2.32
CA LYS A 11 3.38 -5.36 -1.40
C LYS A 11 3.16 -3.98 -0.77
N ILE A 12 2.71 -3.03 -1.59
CA ILE A 12 2.44 -1.67 -1.12
C ILE A 12 1.41 -1.68 0.00
N LYS A 13 0.39 -2.51 -0.14
CA LYS A 13 -0.67 -2.61 0.86
C LYS A 13 -0.09 -2.93 2.24
N ALA A 14 0.75 -3.96 2.30
CA ALA A 14 1.37 -4.36 3.55
C ALA A 14 2.50 -3.42 3.93
N ASN A 15 3.16 -2.84 2.92
CA ASN A 15 4.25 -1.92 3.15
C ASN A 15 3.74 -0.55 3.58
N ASN A 16 2.48 -0.28 3.27
CA ASN A 16 1.87 1.00 3.63
C ASN A 16 1.43 1.01 5.08
N ARG A 17 0.62 0.03 5.46
CA ARG A 17 0.14 -0.08 6.83
C ARG A 17 1.28 -0.34 7.80
N LEU A 18 2.49 -0.50 7.26
CA LEU A 18 3.68 -0.76 8.07
C LEU A 18 3.78 0.24 9.22
N LEU A 19 3.23 1.43 9.00
CA LEU A 19 3.26 2.48 10.02
C LEU A 19 2.50 2.05 11.27
N ASN A 20 1.19 1.93 11.13
CA ASN A 20 0.34 1.51 12.25
C ASN A 20 0.46 2.50 13.42
N ALA A 21 0.06 3.73 13.19
CA ALA A 21 0.13 4.77 14.20
C ALA A 21 -1.25 5.37 14.47
N VAL A 22 -1.82 6.00 13.45
CA VAL A 22 -3.14 6.63 13.57
C VAL A 22 -4.21 5.73 12.98
N VAL A 23 -3.99 5.27 11.76
CA VAL A 23 -4.95 4.40 11.08
C VAL A 23 -4.62 2.93 11.33
N GLN A 24 -3.89 2.66 12.41
CA GLN A 24 -3.52 1.30 12.75
C GLN A 24 -4.74 0.46 13.10
N GLU A 25 -5.82 1.14 13.49
CA GLU A 25 -7.05 0.46 13.85
C GLU A 25 -8.01 0.39 12.66
N MET A 26 -7.88 1.36 11.75
CA MET A 26 -8.73 1.41 10.56
C MET A 26 -8.14 0.55 9.44
N TYR A 27 -6.90 0.85 9.06
CA TYR A 27 -6.23 0.11 8.00
C TYR A 27 -6.10 -1.37 8.37
N LEU A 28 -6.30 -1.68 9.64
CA LEU A 28 -6.21 -3.05 10.13
C LEU A 28 -7.49 -3.83 9.81
N ASP A 29 -8.55 -3.10 9.48
CA ASP A 29 -9.83 -3.72 9.15
C ASP A 29 -9.74 -4.47 7.82
N ASN A 30 -9.18 -5.66 7.85
CA ASN A 30 -9.04 -6.48 6.65
C ASN A 30 -10.41 -6.82 6.06
N SER A 31 -11.43 -6.83 6.92
CA SER A 31 -12.78 -7.14 6.47
C SER A 31 -13.56 -5.86 6.15
N LEU A 32 -12.84 -4.84 5.73
CA LEU A 32 -13.45 -3.56 5.38
C LEU A 32 -13.06 -3.13 3.98
N ASP A 33 -13.83 -2.20 3.40
CA ASP A 33 -13.57 -1.71 2.06
C ASP A 33 -12.27 -0.91 2.03
N ILE A 34 -11.36 -1.32 1.14
CA ILE A 34 -10.08 -0.64 1.00
C ILE A 34 -10.25 0.88 1.04
N LYS A 35 -11.29 1.38 0.37
CA LYS A 35 -11.56 2.80 0.33
C LYS A 35 -12.00 3.31 1.71
N THR A 36 -12.80 2.51 2.40
CA THR A 36 -13.28 2.88 3.72
C THR A 36 -12.13 3.31 4.63
N ARG A 37 -11.16 2.43 4.80
CA ARG A 37 -10.00 2.72 5.64
C ARG A 37 -9.08 3.72 4.96
N ASP A 38 -9.02 3.66 3.64
CA ASP A 38 -8.16 4.55 2.87
C ASP A 38 -8.48 6.02 3.19
N TYR A 39 -9.77 6.32 3.33
CA TYR A 39 -10.20 7.68 3.63
C TYR A 39 -9.45 8.23 4.85
N TYR A 40 -9.63 7.56 5.98
CA TYR A 40 -8.99 7.98 7.22
C TYR A 40 -7.47 7.84 7.11
N ALA A 41 -7.01 7.14 6.08
CA ALA A 41 -5.58 6.94 5.86
C ALA A 41 -4.98 8.11 5.09
N SER A 42 -5.53 9.30 5.31
CA SER A 42 -5.04 10.50 4.63
C SER A 42 -4.05 11.26 5.51
N ASN A 43 -4.10 11.00 6.81
CA ASN A 43 -3.21 11.66 7.76
C ASN A 43 -1.86 10.96 7.81
N ILE A 44 -1.88 9.63 7.72
CA ILE A 44 -0.65 8.85 7.75
C ILE A 44 -0.07 8.68 6.35
N THR A 45 -0.60 9.45 5.40
CA THR A 45 -0.14 9.40 4.02
C THR A 45 1.39 9.42 3.95
N SER A 46 2.00 10.06 4.95
CA SER A 46 3.46 10.16 5.00
C SER A 46 4.10 8.79 4.80
N VAL A 47 3.37 7.74 5.15
CA VAL A 47 3.88 6.38 5.01
C VAL A 47 3.24 5.68 3.81
N ARG A 48 2.06 6.14 3.42
CA ARG A 48 1.35 5.57 2.29
C ARG A 48 2.06 5.87 0.97
N GLN A 49 2.45 7.13 0.80
CA GLN A 49 3.13 7.56 -0.41
C GLN A 49 4.35 6.67 -0.68
N ASN A 50 5.02 6.26 0.39
CA ASN A 50 6.21 5.42 0.27
C ASN A 50 5.94 4.24 -0.64
N GLY A 51 4.86 3.50 -0.36
CA GLY A 51 4.51 2.35 -1.18
C GLY A 51 3.81 2.74 -2.45
N ASP A 52 2.74 3.52 -2.32
CA ASP A 52 1.97 3.97 -3.47
C ASP A 52 2.87 4.53 -4.56
N GLN A 53 3.97 5.15 -4.14
CA GLN A 53 4.92 5.74 -5.08
C GLN A 53 5.60 4.66 -5.91
N ILE A 54 5.88 3.53 -5.28
CA ILE A 54 6.53 2.41 -5.97
C ILE A 54 5.56 1.71 -6.92
N ILE A 55 4.27 1.78 -6.60
CA ILE A 55 3.25 1.17 -7.43
C ILE A 55 3.44 1.50 -8.89
N GLN A 56 3.94 2.71 -9.16
CA GLN A 56 4.18 3.16 -10.53
C GLN A 56 5.55 2.71 -11.02
N ILE A 57 6.52 2.69 -10.11
CA ILE A 57 7.87 2.27 -10.45
C ILE A 57 7.93 0.80 -10.83
N LEU A 58 7.36 -0.05 -9.97
CA LEU A 58 7.34 -1.49 -10.21
C LEU A 58 6.43 -1.82 -11.39
N ASP A 59 5.43 -0.98 -11.62
CA ASP A 59 4.49 -1.19 -12.71
C ASP A 59 5.10 -0.77 -14.04
N GLU A 60 5.87 0.31 -14.02
CA GLU A 60 6.52 0.82 -15.22
C GLU A 60 7.76 0.00 -15.55
N GLU A 61 8.41 -0.54 -14.52
CA GLU A 61 9.61 -1.34 -14.70
C GLU A 61 9.92 -2.15 -13.44
N GLY A 62 9.04 -3.08 -13.11
CA GLY A 62 9.23 -3.90 -11.94
C GLY A 62 8.53 -5.25 -12.06
N ILE A 63 8.41 -5.75 -13.28
CA ILE A 63 7.75 -7.02 -13.52
C ILE A 63 8.78 -8.15 -13.65
N ALA A 64 8.38 -9.36 -13.29
CA ALA A 64 9.26 -10.52 -13.38
C ALA A 64 9.09 -11.23 -14.71
N GLU A 65 9.98 -10.95 -15.65
CA GLU A 65 9.93 -11.56 -16.97
C GLU A 65 11.32 -11.99 -17.42
#